data_451C
# 
_entry.id   451C 
# 
_audit_conform.dict_name       mmcif_pdbx.dic 
_audit_conform.dict_version    5.397 
_audit_conform.dict_location   http://mmcif.pdb.org/dictionaries/ascii/mmcif_pdbx.dic 
# 
loop_
_database_2.database_id 
_database_2.database_code 
_database_2.pdbx_database_accession 
_database_2.pdbx_DOI 
PDB   451C         pdb_0000451c 10.2210/pdb451c/pdb 
WWPDB D_1000179236 ?            ?                   
# 
loop_
_pdbx_audit_revision_history.ordinal 
_pdbx_audit_revision_history.data_content_type 
_pdbx_audit_revision_history.major_revision 
_pdbx_audit_revision_history.minor_revision 
_pdbx_audit_revision_history.revision_date 
1 'Structure model' 1 0 1981-10-02 
2 'Structure model' 1 1 2008-03-25 
3 'Structure model' 1 2 2011-07-13 
4 'Structure model' 1 3 2017-11-29 
5 'Structure model' 1 4 2024-10-23 
# 
_pdbx_audit_revision_details.ordinal             1 
_pdbx_audit_revision_details.revision_ordinal    1 
_pdbx_audit_revision_details.data_content_type   'Structure model' 
_pdbx_audit_revision_details.provider            repository 
_pdbx_audit_revision_details.type                'Initial release' 
_pdbx_audit_revision_details.description         ? 
_pdbx_audit_revision_details.details             ? 
# 
loop_
_pdbx_audit_revision_group.ordinal 
_pdbx_audit_revision_group.revision_ordinal 
_pdbx_audit_revision_group.data_content_type 
_pdbx_audit_revision_group.group 
1 2 'Structure model' 'Version format compliance' 
2 3 'Structure model' 'Version format compliance' 
3 4 'Structure model' 'Derived calculations'      
4 4 'Structure model' Other                       
5 5 'Structure model' 'Data collection'           
6 5 'Structure model' 'Database references'       
7 5 'Structure model' 'Derived calculations'      
8 5 'Structure model' 'Structure summary'         
# 
loop_
_pdbx_audit_revision_category.ordinal 
_pdbx_audit_revision_category.revision_ordinal 
_pdbx_audit_revision_category.data_content_type 
_pdbx_audit_revision_category.category 
1  4 'Structure model' pdbx_database_status      
2  4 'Structure model' struct_conf               
3  4 'Structure model' struct_conf_type          
4  5 'Structure model' chem_comp_atom            
5  5 'Structure model' chem_comp_bond            
6  5 'Structure model' database_2                
7  5 'Structure model' pdbx_entry_details        
8  5 'Structure model' pdbx_modification_feature 
9  5 'Structure model' struct_conn               
10 5 'Structure model' struct_conn_type          
11 5 'Structure model' struct_site               
# 
loop_
_pdbx_audit_revision_item.ordinal 
_pdbx_audit_revision_item.revision_ordinal 
_pdbx_audit_revision_item.data_content_type 
_pdbx_audit_revision_item.item 
1  4 'Structure model' '_pdbx_database_status.process_site'  
2  5 'Structure model' '_database_2.pdbx_DOI'                
3  5 'Structure model' '_database_2.pdbx_database_accession' 
4  5 'Structure model' '_struct_conn.conn_type_id'           
5  5 'Structure model' '_struct_conn.id'                     
6  5 'Structure model' '_struct_conn.pdbx_dist_value'        
7  5 'Structure model' '_struct_conn.pdbx_leaving_atom_flag' 
8  5 'Structure model' '_struct_conn.ptnr1_label_atom_id'    
9  5 'Structure model' '_struct_conn.ptnr2_auth_comp_id'     
10 5 'Structure model' '_struct_conn.ptnr2_auth_seq_id'      
11 5 'Structure model' '_struct_conn.ptnr2_label_atom_id'    
12 5 'Structure model' '_struct_conn.ptnr2_label_comp_id'    
13 5 'Structure model' '_struct_conn.ptnr2_label_seq_id'     
14 5 'Structure model' '_struct_conn_type.id'                
15 5 'Structure model' '_struct_site.pdbx_auth_asym_id'      
16 5 'Structure model' '_struct_site.pdbx_auth_comp_id'      
17 5 'Structure model' '_struct_site.pdbx_auth_seq_id'       
# 
_pdbx_database_status.status_code                     REL 
_pdbx_database_status.entry_id                        451C 
_pdbx_database_status.recvd_initial_deposition_date   1981-07-20 
_pdbx_database_status.deposit_site                    ? 
_pdbx_database_status.process_site                    BNL 
_pdbx_database_status.status_code_sf                  REL 
_pdbx_database_status.status_code_mr                  ? 
_pdbx_database_status.SG_entry                        ? 
_pdbx_database_status.pdb_format_compatible           Y 
_pdbx_database_status.status_code_cs                  ? 
_pdbx_database_status.methods_development_category    ? 
_pdbx_database_status.status_code_nmr_data            ? 
# 
loop_
_audit_author.name 
_audit_author.pdbx_ordinal 
'Matsuura, Y.'    1 
'Takano, T.'      2 
'Dickerson, R.E.' 3 
# 
loop_
_citation.id 
_citation.title 
_citation.journal_abbrev 
_citation.journal_volume 
_citation.page_first 
_citation.page_last 
_citation.year 
_citation.journal_id_ASTM 
_citation.country 
_citation.journal_id_ISSN 
_citation.journal_id_CSD 
_citation.book_publisher 
_citation.pdbx_database_id_PubMed 
_citation.pdbx_database_id_DOI 
primary 
'Structure of cytochrome c551 from Pseudomonas aeruginosa refined at 1.6 A resolution and comparison of the two redox forms.' 
J.Mol.Biol.            156 389  409 1982 JMOBAK UK 0022-2836 0070 ? 6283101 '10.1016/0022-2836(82)90335-7' 
1       'Pseudomonas Cytochrome C551 at 2.0 Angstroms Resolution. Enlargement of the Cytochrome C Family' Proc.Natl.Acad.Sci.USA 
75  2674 ?   1978 PNASA6 US 0027-8424 0040 ? ?       ?                              
2       'The Cytochrome Fold and the Evolution of Bacterial Energy Metabolism' J.Mol.Biol.            100 473  ?   1976 JMOBAK UK 
0022-2836 0070 ? ?       ?                              
# 
loop_
_citation_author.citation_id 
_citation_author.name 
_citation_author.ordinal 
_citation_author.identifier_ORCID 
primary 'Matsuura, Y.'    1 ? 
primary 'Takano, T.'      2 ? 
primary 'Dickerson, R.E.' 3 ? 
1       'Almassy, R.J.'   4 ? 
1       'Dickerson, R.E.' 5 ? 
2       'Dickerson, R.E.' 6 ? 
2       'Timkovich, R.'   7 ? 
2       'Almassy, R.J.'   8 ? 
# 
loop_
_entity.id 
_entity.type 
_entity.src_method 
_entity.pdbx_description 
_entity.formula_weight 
_entity.pdbx_number_of_molecules 
_entity.pdbx_ec 
_entity.pdbx_mutation 
_entity.pdbx_fragment 
_entity.details 
1 polymer     man 'CYTOCHROME C551'                 8704.892 1  ? ? ? ? 
2 non-polymer syn 'PROTOPORPHYRIN IX CONTAINING FE' 616.487  1  ? ? ? ? 
3 water       nat water                             18.015   73 ? ? ? ? 
# 
_entity_poly.entity_id                      1 
_entity_poly.type                           'polypeptide(L)' 
_entity_poly.nstd_linkage                   no 
_entity_poly.nstd_monomer                   no 
_entity_poly.pdbx_seq_one_letter_code       
;EDPEVLFKNKGCVACHAIDTKMVGPAYKDVAAKFAGQAGAEAELAQRIKNGSQGVWGPIPMPPNAVSDDEAQTLAKWVLS
QK
;
_entity_poly.pdbx_seq_one_letter_code_can   
;EDPEVLFKNKGCVACHAIDTKMVGPAYKDVAAKFAGQAGAEAELAQRIKNGSQGVWGPIPMPPNAVSDDEAQTLAKWVLS
QK
;
_entity_poly.pdbx_strand_id                 A 
_entity_poly.pdbx_target_identifier         ? 
# 
loop_
_pdbx_entity_nonpoly.entity_id 
_pdbx_entity_nonpoly.name 
_pdbx_entity_nonpoly.comp_id 
2 'PROTOPORPHYRIN IX CONTAINING FE' HEM 
3 water                             HOH 
# 
loop_
_entity_poly_seq.entity_id 
_entity_poly_seq.num 
_entity_poly_seq.mon_id 
_entity_poly_seq.hetero 
1 1  GLU n 
1 2  ASP n 
1 3  PRO n 
1 4  GLU n 
1 5  VAL n 
1 6  LEU n 
1 7  PHE n 
1 8  LYS n 
1 9  ASN n 
1 10 LYS n 
1 11 GLY n 
1 12 CYS n 
1 13 VAL n 
1 14 ALA n 
1 15 CYS n 
1 16 HIS n 
1 17 ALA n 
1 18 ILE n 
1 19 ASP n 
1 20 THR n 
1 21 LYS n 
1 22 MET n 
1 23 VAL n 
1 24 GLY n 
1 25 PRO n 
1 26 ALA n 
1 27 TYR n 
1 28 LYS n 
1 29 ASP n 
1 30 VAL n 
1 31 ALA n 
1 32 ALA n 
1 33 LYS n 
1 34 PHE n 
1 35 ALA n 
1 36 GLY n 
1 37 GLN n 
1 38 ALA n 
1 39 GLY n 
1 40 ALA n 
1 41 GLU n 
1 42 ALA n 
1 43 GLU n 
1 44 LEU n 
1 45 ALA n 
1 46 GLN n 
1 47 ARG n 
1 48 ILE n 
1 49 LYS n 
1 50 ASN n 
1 51 GLY n 
1 52 SER n 
1 53 GLN n 
1 54 GLY n 
1 55 VAL n 
1 56 TRP n 
1 57 GLY n 
1 58 PRO n 
1 59 ILE n 
1 60 PRO n 
1 61 MET n 
1 62 PRO n 
1 63 PRO n 
1 64 ASN n 
1 65 ALA n 
1 66 VAL n 
1 67 SER n 
1 68 ASP n 
1 69 ASP n 
1 70 GLU n 
1 71 ALA n 
1 72 GLN n 
1 73 THR n 
1 74 LEU n 
1 75 ALA n 
1 76 LYS n 
1 77 TRP n 
1 78 VAL n 
1 79 LEU n 
1 80 SER n 
1 81 GLN n 
1 82 LYS n 
# 
_entity_src_gen.entity_id                          1 
_entity_src_gen.pdbx_src_id                        1 
_entity_src_gen.pdbx_alt_source_flag               sample 
_entity_src_gen.pdbx_seq_type                      ? 
_entity_src_gen.pdbx_beg_seq_num                   ? 
_entity_src_gen.pdbx_end_seq_num                   ? 
_entity_src_gen.gene_src_common_name               ? 
_entity_src_gen.gene_src_genus                     Pseudomonas 
_entity_src_gen.pdbx_gene_src_gene                 ? 
_entity_src_gen.gene_src_species                   ? 
_entity_src_gen.gene_src_strain                    ? 
_entity_src_gen.gene_src_tissue                    ? 
_entity_src_gen.gene_src_tissue_fraction           ? 
_entity_src_gen.gene_src_details                   ? 
_entity_src_gen.pdbx_gene_src_fragment             ? 
_entity_src_gen.pdbx_gene_src_scientific_name      'Pseudomonas aeruginosa' 
_entity_src_gen.pdbx_gene_src_ncbi_taxonomy_id     287 
_entity_src_gen.pdbx_gene_src_variant              ? 
_entity_src_gen.pdbx_gene_src_cell_line            ? 
_entity_src_gen.pdbx_gene_src_atcc                 ? 
_entity_src_gen.pdbx_gene_src_organ                ? 
_entity_src_gen.pdbx_gene_src_organelle            ? 
_entity_src_gen.pdbx_gene_src_cell                 ? 
_entity_src_gen.pdbx_gene_src_cellular_location    ? 
_entity_src_gen.host_org_common_name               ? 
_entity_src_gen.pdbx_host_org_scientific_name      ? 
_entity_src_gen.pdbx_host_org_ncbi_taxonomy_id     ? 
_entity_src_gen.host_org_genus                     ? 
_entity_src_gen.pdbx_host_org_gene                 ? 
_entity_src_gen.pdbx_host_org_organ                ? 
_entity_src_gen.host_org_species                   ? 
_entity_src_gen.pdbx_host_org_tissue               ? 
_entity_src_gen.pdbx_host_org_tissue_fraction      ? 
_entity_src_gen.pdbx_host_org_strain               ? 
_entity_src_gen.pdbx_host_org_variant              ? 
_entity_src_gen.pdbx_host_org_cell_line            ? 
_entity_src_gen.pdbx_host_org_atcc                 ? 
_entity_src_gen.pdbx_host_org_culture_collection   ? 
_entity_src_gen.pdbx_host_org_cell                 ? 
_entity_src_gen.pdbx_host_org_organelle            ? 
_entity_src_gen.pdbx_host_org_cellular_location    ? 
_entity_src_gen.pdbx_host_org_vector_type          ? 
_entity_src_gen.pdbx_host_org_vector               ? 
_entity_src_gen.host_org_details                   ? 
_entity_src_gen.expression_system_id               ? 
_entity_src_gen.plasmid_name                       ? 
_entity_src_gen.plasmid_details                    ? 
_entity_src_gen.pdbx_description                   ? 
# 
loop_
_chem_comp.id 
_chem_comp.type 
_chem_comp.mon_nstd_flag 
_chem_comp.name 
_chem_comp.pdbx_synonyms 
_chem_comp.formula 
_chem_comp.formula_weight 
ALA 'L-peptide linking' y ALANINE                           ?    'C3 H7 N O2'       89.093  
ARG 'L-peptide linking' y ARGININE                          ?    'C6 H15 N4 O2 1'   175.209 
ASN 'L-peptide linking' y ASPARAGINE                        ?    'C4 H8 N2 O3'      132.118 
ASP 'L-peptide linking' y 'ASPARTIC ACID'                   ?    'C4 H7 N O4'       133.103 
CYS 'L-peptide linking' y CYSTEINE                          ?    'C3 H7 N O2 S'     121.158 
GLN 'L-peptide linking' y GLUTAMINE                         ?    'C5 H10 N2 O3'     146.144 
GLU 'L-peptide linking' y 'GLUTAMIC ACID'                   ?    'C5 H9 N O4'       147.129 
GLY 'peptide linking'   y GLYCINE                           ?    'C2 H5 N O2'       75.067  
HEM non-polymer         . 'PROTOPORPHYRIN IX CONTAINING FE' HEME 'C34 H32 Fe N4 O4' 616.487 
HIS 'L-peptide linking' y HISTIDINE                         ?    'C6 H10 N3 O2 1'   156.162 
HOH non-polymer         . WATER                             ?    'H2 O'             18.015  
ILE 'L-peptide linking' y ISOLEUCINE                        ?    'C6 H13 N O2'      131.173 
LEU 'L-peptide linking' y LEUCINE                           ?    'C6 H13 N O2'      131.173 
LYS 'L-peptide linking' y LYSINE                            ?    'C6 H15 N2 O2 1'   147.195 
MET 'L-peptide linking' y METHIONINE                        ?    'C5 H11 N O2 S'    149.211 
PHE 'L-peptide linking' y PHENYLALANINE                     ?    'C9 H11 N O2'      165.189 
PRO 'L-peptide linking' y PROLINE                           ?    'C5 H9 N O2'       115.130 
SER 'L-peptide linking' y SERINE                            ?    'C3 H7 N O3'       105.093 
THR 'L-peptide linking' y THREONINE                         ?    'C4 H9 N O3'       119.119 
TRP 'L-peptide linking' y TRYPTOPHAN                        ?    'C11 H12 N2 O2'    204.225 
TYR 'L-peptide linking' y TYROSINE                          ?    'C9 H11 N O3'      181.189 
VAL 'L-peptide linking' y VALINE                            ?    'C5 H11 N O2'      117.146 
# 
loop_
_pdbx_poly_seq_scheme.asym_id 
_pdbx_poly_seq_scheme.entity_id 
_pdbx_poly_seq_scheme.seq_id 
_pdbx_poly_seq_scheme.mon_id 
_pdbx_poly_seq_scheme.ndb_seq_num 
_pdbx_poly_seq_scheme.pdb_seq_num 
_pdbx_poly_seq_scheme.auth_seq_num 
_pdbx_poly_seq_scheme.pdb_mon_id 
_pdbx_poly_seq_scheme.auth_mon_id 
_pdbx_poly_seq_scheme.pdb_strand_id 
_pdbx_poly_seq_scheme.pdb_ins_code 
_pdbx_poly_seq_scheme.hetero 
A 1 1  GLU 1  1  1  GLU GLU A . n 
A 1 2  ASP 2  2  2  ASP ASP A . n 
A 1 3  PRO 3  3  3  PRO PRO A . n 
A 1 4  GLU 4  4  4  GLU GLU A . n 
A 1 5  VAL 5  5  5  VAL VAL A . n 
A 1 6  LEU 6  6  6  LEU LEU A . n 
A 1 7  PHE 7  7  7  PHE PHE A . n 
A 1 8  LYS 8  8  8  LYS LYS A . n 
A 1 9  ASN 9  9  9  ASN ASN A . n 
A 1 10 LYS 10 10 10 LYS LYS A . n 
A 1 11 GLY 11 11 11 GLY GLY A . n 
A 1 12 CYS 12 12 12 CYS CYS A . n 
A 1 13 VAL 13 13 13 VAL VAL A . n 
A 1 14 ALA 14 14 14 ALA ALA A . n 
A 1 15 CYS 15 15 15 CYS CYS A . n 
A 1 16 HIS 16 16 16 HIS HIS A . n 
A 1 17 ALA 17 17 17 ALA ALA A . n 
A 1 18 ILE 18 18 18 ILE ILE A . n 
A 1 19 ASP 19 19 19 ASP ASP A . n 
A 1 20 THR 20 20 20 THR THR A . n 
A 1 21 LYS 21 21 21 LYS LYS A . n 
A 1 22 MET 22 22 22 MET MET A . n 
A 1 23 VAL 23 23 23 VAL VAL A . n 
A 1 24 GLY 24 24 24 GLY GLY A . n 
A 1 25 PRO 25 25 25 PRO PRO A . n 
A 1 26 ALA 26 26 26 ALA ALA A . n 
A 1 27 TYR 27 27 27 TYR TYR A . n 
A 1 28 LYS 28 28 28 LYS LYS A . n 
A 1 29 ASP 29 29 29 ASP ASP A . n 
A 1 30 VAL 30 30 30 VAL VAL A . n 
A 1 31 ALA 31 31 31 ALA ALA A . n 
A 1 32 ALA 32 32 32 ALA ALA A . n 
A 1 33 LYS 33 33 33 LYS LYS A . n 
A 1 34 PHE 34 34 34 PHE PHE A . n 
A 1 35 ALA 35 35 35 ALA ALA A . n 
A 1 36 GLY 36 36 36 GLY GLY A . n 
A 1 37 GLN 37 37 37 GLN GLN A . n 
A 1 38 ALA 38 38 38 ALA ALA A . n 
A 1 39 GLY 39 39 39 GLY GLY A . n 
A 1 40 ALA 40 40 40 ALA ALA A . n 
A 1 41 GLU 41 41 41 GLU GLU A . n 
A 1 42 ALA 42 42 42 ALA ALA A . n 
A 1 43 GLU 43 43 43 GLU GLU A . n 
A 1 44 LEU 44 44 44 LEU LEU A . n 
A 1 45 ALA 45 45 45 ALA ALA A . n 
A 1 46 GLN 46 46 46 GLN GLN A . n 
A 1 47 ARG 47 47 47 ARG ARG A . n 
A 1 48 ILE 48 48 48 ILE ILE A . n 
A 1 49 LYS 49 49 49 LYS LYS A . n 
A 1 50 ASN 50 50 50 ASN ASN A . n 
A 1 51 GLY 51 51 51 GLY GLY A . n 
A 1 52 SER 52 52 52 SER SER A . n 
A 1 53 GLN 53 53 53 GLN GLN A . n 
A 1 54 GLY 54 54 54 GLY GLY A . n 
A 1 55 VAL 55 55 55 VAL VAL A . n 
A 1 56 TRP 56 56 56 TRP TRP A . n 
A 1 57 GLY 57 57 57 GLY GLY A . n 
A 1 58 PRO 58 58 58 PRO PRO A . n 
A 1 59 ILE 59 59 59 ILE ILE A . n 
A 1 60 PRO 60 60 60 PRO PRO A . n 
A 1 61 MET 61 61 61 MET MET A . n 
A 1 62 PRO 62 62 62 PRO PRO A . n 
A 1 63 PRO 63 63 63 PRO PRO A . n 
A 1 64 ASN 64 64 64 ASN ASN A . n 
A 1 65 ALA 65 65 65 ALA ALA A . n 
A 1 66 VAL 66 66 66 VAL VAL A . n 
A 1 67 SER 67 67 67 SER SER A . n 
A 1 68 ASP 68 68 68 ASP ASP A . n 
A 1 69 ASP 69 69 69 ASP ASP A . n 
A 1 70 GLU 70 70 70 GLU GLU A . n 
A 1 71 ALA 71 71 71 ALA ALA A . n 
A 1 72 GLN 72 72 72 GLN GLN A . n 
A 1 73 THR 73 73 73 THR THR A . n 
A 1 74 LEU 74 74 74 LEU LEU A . n 
A 1 75 ALA 75 75 75 ALA ALA A . n 
A 1 76 LYS 76 76 76 LYS LYS A . n 
A 1 77 TRP 77 77 77 TRP TRP A . n 
A 1 78 VAL 78 78 78 VAL VAL A . n 
A 1 79 LEU 79 79 79 LEU LEU A . n 
A 1 80 SER 80 80 80 SER SER A . n 
A 1 81 GLN 81 81 81 GLN GLN A . n 
A 1 82 LYS 82 82 82 LYS LYS A . n 
# 
loop_
_pdbx_nonpoly_scheme.asym_id 
_pdbx_nonpoly_scheme.entity_id 
_pdbx_nonpoly_scheme.mon_id 
_pdbx_nonpoly_scheme.ndb_seq_num 
_pdbx_nonpoly_scheme.pdb_seq_num 
_pdbx_nonpoly_scheme.auth_seq_num 
_pdbx_nonpoly_scheme.pdb_mon_id 
_pdbx_nonpoly_scheme.auth_mon_id 
_pdbx_nonpoly_scheme.pdb_strand_id 
_pdbx_nonpoly_scheme.pdb_ins_code 
B 2 HEM 1  0   0  HEM HEM A . 
C 3 HOH 1  83  1  HOH HOH A . 
C 3 HOH 2  84  2  HOH HOH A . 
C 3 HOH 3  85  3  HOH HOH A . 
C 3 HOH 4  86  4  HOH HOH A . 
C 3 HOH 5  87  5  HOH HOH A . 
C 3 HOH 6  88  6  HOH HOH A . 
C 3 HOH 7  89  7  HOH HOH A . 
C 3 HOH 8  90  8  HOH HOH A . 
C 3 HOH 9  91  9  HOH HOH A . 
C 3 HOH 10 92  10 HOH HOH A . 
C 3 HOH 11 93  11 HOH HOH A . 
C 3 HOH 12 94  12 HOH HOH A . 
C 3 HOH 13 95  13 HOH HOH A . 
C 3 HOH 14 96  14 HOH HOH A . 
C 3 HOH 15 97  15 HOH HOH A . 
C 3 HOH 16 98  16 HOH HOH A . 
C 3 HOH 17 99  17 HOH HOH A . 
C 3 HOH 18 100 18 HOH HOH A . 
C 3 HOH 19 101 19 HOH HOH A . 
C 3 HOH 20 102 20 HOH HOH A . 
C 3 HOH 21 103 21 HOH HOH A . 
C 3 HOH 22 104 22 HOH HOH A . 
C 3 HOH 23 105 23 HOH HOH A . 
C 3 HOH 24 106 24 HOH HOH A . 
C 3 HOH 25 107 25 HOH HOH A . 
C 3 HOH 26 108 26 HOH HOH A . 
C 3 HOH 27 109 27 HOH HOH A . 
C 3 HOH 28 110 28 HOH HOH A . 
C 3 HOH 29 111 29 HOH HOH A . 
C 3 HOH 30 112 30 HOH HOH A . 
C 3 HOH 31 113 31 HOH HOH A . 
C 3 HOH 32 114 32 HOH HOH A . 
C 3 HOH 33 115 33 HOH HOH A . 
C 3 HOH 34 116 34 HOH HOH A . 
C 3 HOH 35 117 35 HOH HOH A . 
C 3 HOH 36 118 36 HOH HOH A . 
C 3 HOH 37 119 37 HOH HOH A . 
C 3 HOH 38 120 38 HOH HOH A . 
C 3 HOH 39 121 39 HOH HOH A . 
C 3 HOH 40 122 40 HOH HOH A . 
C 3 HOH 41 123 41 HOH HOH A . 
C 3 HOH 42 124 42 HOH HOH A . 
C 3 HOH 43 125 43 HOH HOH A . 
C 3 HOH 44 126 44 HOH HOH A . 
C 3 HOH 45 127 45 HOH HOH A . 
C 3 HOH 46 128 46 HOH HOH A . 
C 3 HOH 47 129 47 HOH HOH A . 
C 3 HOH 48 130 48 HOH HOH A . 
C 3 HOH 49 131 49 HOH HOH A . 
C 3 HOH 50 132 50 HOH HOH A . 
C 3 HOH 51 133 51 HOH HOH A . 
C 3 HOH 52 134 52 HOH HOH A . 
C 3 HOH 53 135 53 HOH HOH A . 
C 3 HOH 54 136 54 HOH HOH A . 
C 3 HOH 55 137 55 HOH HOH A . 
C 3 HOH 56 138 56 HOH HOH A . 
C 3 HOH 57 139 57 HOH HOH A . 
C 3 HOH 58 140 58 HOH HOH A . 
C 3 HOH 59 141 59 HOH HOH A . 
C 3 HOH 60 142 60 HOH HOH A . 
C 3 HOH 61 143 61 HOH HOH A . 
C 3 HOH 62 144 62 HOH HOH A . 
C 3 HOH 63 145 63 HOH HOH A . 
C 3 HOH 64 146 64 HOH HOH A . 
C 3 HOH 65 147 65 HOH HOH A . 
C 3 HOH 66 148 66 HOH HOH A . 
C 3 HOH 67 149 67 HOH HOH A . 
C 3 HOH 68 150 68 HOH HOH A . 
C 3 HOH 69 151 69 HOH HOH A . 
C 3 HOH 70 152 70 HOH HOH A . 
C 3 HOH 71 153 71 HOH HOH A . 
C 3 HOH 72 154 72 HOH HOH A . 
C 3 HOH 73 155 73 HOH HOH A . 
# 
_cell.entry_id           451C 
_cell.length_a           29.470 
_cell.length_b           49.300 
_cell.length_c           49.740 
_cell.angle_alpha        90.00 
_cell.angle_beta         90.00 
_cell.angle_gamma        90.00 
_cell.Z_PDB              4 
_cell.pdbx_unique_axis   ? 
# 
_symmetry.entry_id                         451C 
_symmetry.space_group_name_H-M             'P 21 21 21' 
_symmetry.pdbx_full_space_group_name_H-M   ? 
_symmetry.cell_setting                     ? 
_symmetry.Int_Tables_number                19 
# 
_exptl.entry_id          451C 
_exptl.method            'X-RAY DIFFRACTION' 
_exptl.crystals_number   ? 
# 
_exptl_crystal.id                    1 
_exptl_crystal.density_meas          ? 
_exptl_crystal.density_Matthews      2.07 
_exptl_crystal.density_percent_sol   40.69 
_exptl_crystal.description           ? 
# 
_refine.entry_id                                 451C 
_refine.ls_number_reflns_obs                     8670 
_refine.ls_number_reflns_all                     ? 
_refine.pdbx_ls_sigma_I                          ? 
_refine.pdbx_ls_sigma_F                          ? 
_refine.pdbx_data_cutoff_high_absF               ? 
_refine.pdbx_data_cutoff_low_absF                ? 
_refine.pdbx_data_cutoff_high_rms_absF           ? 
_refine.ls_d_res_low                             ? 
_refine.ls_d_res_high                            1.6 
_refine.ls_percent_reflns_obs                    ? 
_refine.ls_R_factor_obs                          ? 
_refine.ls_R_factor_all                          ? 
_refine.ls_R_factor_R_work                       0.1870000 
_refine.ls_R_factor_R_free                       ? 
_refine.ls_R_factor_R_free_error                 ? 
_refine.ls_R_factor_R_free_error_details         ? 
_refine.ls_percent_reflns_R_free                 ? 
_refine.ls_number_reflns_R_free                  ? 
_refine.ls_number_parameters                     ? 
_refine.ls_number_restraints                     ? 
_refine.occupancy_min                            ? 
_refine.occupancy_max                            ? 
_refine.B_iso_mean                               ? 
_refine.aniso_B[1][1]                            ? 
_refine.aniso_B[2][2]                            ? 
_refine.aniso_B[3][3]                            ? 
_refine.aniso_B[1][2]                            ? 
_refine.aniso_B[1][3]                            ? 
_refine.aniso_B[2][3]                            ? 
_refine.solvent_model_details                    ? 
_refine.solvent_model_param_ksol                 ? 
_refine.solvent_model_param_bsol                 ? 
_refine.pdbx_ls_cross_valid_method               ? 
_refine.details                                  ? 
_refine.pdbx_starting_model                      ? 
_refine.pdbx_method_to_determine_struct          ? 
_refine.pdbx_isotropic_thermal_model             ? 
_refine.pdbx_stereochemistry_target_values       ? 
_refine.pdbx_stereochem_target_val_spec_case     ? 
_refine.pdbx_R_Free_selection_details            ? 
_refine.pdbx_overall_ESU_R                       ? 
_refine.pdbx_overall_ESU_R_Free                  ? 
_refine.overall_SU_ML                            ? 
_refine.overall_SU_B                             ? 
_refine.pdbx_refine_id                           'X-RAY DIFFRACTION' 
_refine.pdbx_diffrn_id                           1 
_refine.pdbx_TLS_residual_ADP_flag               ? 
_refine.correlation_coeff_Fo_to_Fc               ? 
_refine.correlation_coeff_Fo_to_Fc_free          ? 
_refine.pdbx_solvent_vdw_probe_radii             ? 
_refine.pdbx_solvent_ion_probe_radii             ? 
_refine.pdbx_solvent_shrinkage_radii             ? 
_refine.pdbx_overall_phase_error                 ? 
_refine.overall_SU_R_Cruickshank_DPI             ? 
_refine.pdbx_overall_SU_R_free_Cruickshank_DPI   ? 
_refine.pdbx_overall_SU_R_Blow_DPI               ? 
_refine.pdbx_overall_SU_R_free_Blow_DPI          ? 
# 
_refine_hist.pdbx_refine_id                   'X-RAY DIFFRACTION' 
_refine_hist.cycle_id                         LAST 
_refine_hist.pdbx_number_atoms_protein        610 
_refine_hist.pdbx_number_atoms_nucleic_acid   0 
_refine_hist.pdbx_number_atoms_ligand         43 
_refine_hist.number_atoms_solvent             73 
_refine_hist.number_atoms_total               726 
_refine_hist.d_res_high                       1.6 
_refine_hist.d_res_low                        . 
# 
_struct.entry_id                  451C 
_struct.title                     
'STRUCTURE OF CYTOCHROME C551 FROM P. AERUGINOSA REFINED AT 1.6 ANGSTROMS RESOLUTION AND COMPARISON OF THE TWO REDOX FORMS' 
_struct.pdbx_model_details        ? 
_struct.pdbx_CASP_flag            ? 
_struct.pdbx_model_type_details   ? 
# 
_struct_keywords.entry_id        451C 
_struct_keywords.pdbx_keywords   'ELECTRON TRANSPORT' 
_struct_keywords.text            'ELECTRON TRANSPORT' 
# 
loop_
_struct_asym.id 
_struct_asym.pdbx_blank_PDB_chainid_flag 
_struct_asym.pdbx_modified 
_struct_asym.entity_id 
_struct_asym.details 
A N N 1 ? 
B N N 2 ? 
C N N 3 ? 
# 
_struct_ref.id                         1 
_struct_ref.db_name                    UNP 
_struct_ref.db_code                    CY551_PSEAE 
_struct_ref.pdbx_db_accession          P00099 
_struct_ref.entity_id                  1 
_struct_ref.pdbx_align_begin           23 
_struct_ref.pdbx_db_isoform            ? 
_struct_ref.pdbx_seq_one_letter_code   ? 
# 
_struct_ref_seq.align_id                      1 
_struct_ref_seq.ref_id                        1 
_struct_ref_seq.pdbx_PDB_id_code              451C 
_struct_ref_seq.pdbx_strand_id                A 
_struct_ref_seq.seq_align_beg                 1 
_struct_ref_seq.pdbx_seq_align_beg_ins_code   ? 
_struct_ref_seq.seq_align_end                 82 
_struct_ref_seq.pdbx_seq_align_end_ins_code   ? 
_struct_ref_seq.pdbx_db_accession             P00099 
_struct_ref_seq.db_align_beg                  23 
_struct_ref_seq.pdbx_db_align_beg_ins_code    ? 
_struct_ref_seq.db_align_end                  104 
_struct_ref_seq.pdbx_db_align_end_ins_code    ? 
_struct_ref_seq.pdbx_auth_seq_align_beg       1 
_struct_ref_seq.pdbx_auth_seq_align_end       82 
# 
_pdbx_struct_assembly.id                   1 
_pdbx_struct_assembly.details              author_defined_assembly 
_pdbx_struct_assembly.method_details       ? 
_pdbx_struct_assembly.oligomeric_details   monomeric 
_pdbx_struct_assembly.oligomeric_count     1 
# 
_pdbx_struct_assembly_gen.assembly_id       1 
_pdbx_struct_assembly_gen.oper_expression   1 
_pdbx_struct_assembly_gen.asym_id_list      A,B,C 
# 
_pdbx_struct_oper_list.id                   1 
_pdbx_struct_oper_list.type                 'identity operation' 
_pdbx_struct_oper_list.name                 1_555 
_pdbx_struct_oper_list.symmetry_operation   x,y,z 
_pdbx_struct_oper_list.matrix[1][1]         1.0000000000 
_pdbx_struct_oper_list.matrix[1][2]         0.0000000000 
_pdbx_struct_oper_list.matrix[1][3]         0.0000000000 
_pdbx_struct_oper_list.vector[1]            0.0000000000 
_pdbx_struct_oper_list.matrix[2][1]         0.0000000000 
_pdbx_struct_oper_list.matrix[2][2]         1.0000000000 
_pdbx_struct_oper_list.matrix[2][3]         0.0000000000 
_pdbx_struct_oper_list.vector[2]            0.0000000000 
_pdbx_struct_oper_list.matrix[3][1]         0.0000000000 
_pdbx_struct_oper_list.matrix[3][2]         0.0000000000 
_pdbx_struct_oper_list.matrix[3][3]         1.0000000000 
_pdbx_struct_oper_list.vector[3]            0.0000000000 
# 
_struct_biol.id   1 
# 
loop_
_struct_conf.conf_type_id 
_struct_conf.id 
_struct_conf.pdbx_PDB_helix_id 
_struct_conf.beg_label_comp_id 
_struct_conf.beg_label_asym_id 
_struct_conf.beg_label_seq_id 
_struct_conf.pdbx_beg_PDB_ins_code 
_struct_conf.end_label_comp_id 
_struct_conf.end_label_asym_id 
_struct_conf.end_label_seq_id 
_struct_conf.pdbx_end_PDB_ins_code 
_struct_conf.beg_auth_comp_id 
_struct_conf.beg_auth_asym_id 
_struct_conf.beg_auth_seq_id 
_struct_conf.end_auth_comp_id 
_struct_conf.end_auth_asym_id 
_struct_conf.end_auth_seq_id 
_struct_conf.pdbx_PDB_helix_class 
_struct_conf.details 
_struct_conf.pdbx_PDB_helix_length 
HELX_P HELX_P1 N   PRO A 3  ? ASN A 9  ? PRO A 3  ASN A 9  1 'BROKEN AT VAL 5' 7  
HELX_P HELX_P2 310 GLY A 11 ? CYS A 15 ? GLY A 11 CYS A 15 5 DISTORTED         5  
HELX_P HELX_P3 30  TYR A 27 ? LYS A 33 ? TYR A 27 LYS A 33 1 ?                 7  
HELX_P HELX_P4 40  ALA A 40 ? LYS A 49 ? ALA A 40 LYS A 49 1 ?                 10 
HELX_P HELX_P5 C   ASP A 68 ? SER A 80 ? ASP A 68 SER A 80 1 ?                 13 
# 
_struct_conf_type.id          HELX_P 
_struct_conf_type.criteria    ? 
_struct_conf_type.reference   ? 
# 
loop_
_struct_conn.id 
_struct_conn.conn_type_id 
_struct_conn.pdbx_leaving_atom_flag 
_struct_conn.pdbx_PDB_id 
_struct_conn.ptnr1_label_asym_id 
_struct_conn.ptnr1_label_comp_id 
_struct_conn.ptnr1_label_seq_id 
_struct_conn.ptnr1_label_atom_id 
_struct_conn.pdbx_ptnr1_label_alt_id 
_struct_conn.pdbx_ptnr1_PDB_ins_code 
_struct_conn.pdbx_ptnr1_standard_comp_id 
_struct_conn.ptnr1_symmetry 
_struct_conn.ptnr2_label_asym_id 
_struct_conn.ptnr2_label_comp_id 
_struct_conn.ptnr2_label_seq_id 
_struct_conn.ptnr2_label_atom_id 
_struct_conn.pdbx_ptnr2_label_alt_id 
_struct_conn.pdbx_ptnr2_PDB_ins_code 
_struct_conn.ptnr1_auth_asym_id 
_struct_conn.ptnr1_auth_comp_id 
_struct_conn.ptnr1_auth_seq_id 
_struct_conn.ptnr2_auth_asym_id 
_struct_conn.ptnr2_auth_comp_id 
_struct_conn.ptnr2_auth_seq_id 
_struct_conn.ptnr2_symmetry 
_struct_conn.pdbx_ptnr3_label_atom_id 
_struct_conn.pdbx_ptnr3_label_seq_id 
_struct_conn.pdbx_ptnr3_label_comp_id 
_struct_conn.pdbx_ptnr3_label_asym_id 
_struct_conn.pdbx_ptnr3_label_alt_id 
_struct_conn.pdbx_ptnr3_PDB_ins_code 
_struct_conn.details 
_struct_conn.pdbx_dist_value 
_struct_conn.pdbx_value_order 
_struct_conn.pdbx_role 
covale1 covale none ? B HEM . CAB ? ? ? 1_555 A CYS 12 SG  ? ? A HEM 0 A CYS 12 1_555 ? ? ? ? ? ? ? 1.818 ? ? 
covale2 covale none ? B HEM . CAC ? ? ? 1_555 A CYS 15 SG  ? ? A HEM 0 A CYS 15 1_555 ? ? ? ? ? ? ? 1.821 ? ? 
metalc1 metalc ?    ? B HEM . FE  ? ? ? 1_555 A HIS 16 NE2 ? ? A HEM 0 A HIS 16 1_555 ? ? ? ? ? ? ? 1.973 ? ? 
metalc2 metalc ?    ? B HEM . FE  ? ? ? 1_555 A MET 61 SD  ? ? A HEM 0 A MET 61 1_555 ? ? ? ? ? ? ? 2.354 ? ? 
# 
loop_
_struct_conn_type.id 
_struct_conn_type.criteria 
_struct_conn_type.reference 
covale ? ? 
metalc ? ? 
# 
loop_
_pdbx_struct_conn_angle.id 
_pdbx_struct_conn_angle.ptnr1_label_atom_id 
_pdbx_struct_conn_angle.ptnr1_label_alt_id 
_pdbx_struct_conn_angle.ptnr1_label_asym_id 
_pdbx_struct_conn_angle.ptnr1_label_comp_id 
_pdbx_struct_conn_angle.ptnr1_label_seq_id 
_pdbx_struct_conn_angle.ptnr1_auth_atom_id 
_pdbx_struct_conn_angle.ptnr1_auth_asym_id 
_pdbx_struct_conn_angle.ptnr1_auth_comp_id 
_pdbx_struct_conn_angle.ptnr1_auth_seq_id 
_pdbx_struct_conn_angle.ptnr1_PDB_ins_code 
_pdbx_struct_conn_angle.ptnr1_symmetry 
_pdbx_struct_conn_angle.ptnr2_label_atom_id 
_pdbx_struct_conn_angle.ptnr2_label_alt_id 
_pdbx_struct_conn_angle.ptnr2_label_asym_id 
_pdbx_struct_conn_angle.ptnr2_label_comp_id 
_pdbx_struct_conn_angle.ptnr2_label_seq_id 
_pdbx_struct_conn_angle.ptnr2_auth_atom_id 
_pdbx_struct_conn_angle.ptnr2_auth_asym_id 
_pdbx_struct_conn_angle.ptnr2_auth_comp_id 
_pdbx_struct_conn_angle.ptnr2_auth_seq_id 
_pdbx_struct_conn_angle.ptnr2_PDB_ins_code 
_pdbx_struct_conn_angle.ptnr2_symmetry 
_pdbx_struct_conn_angle.ptnr3_label_atom_id 
_pdbx_struct_conn_angle.ptnr3_label_alt_id 
_pdbx_struct_conn_angle.ptnr3_label_asym_id 
_pdbx_struct_conn_angle.ptnr3_label_comp_id 
_pdbx_struct_conn_angle.ptnr3_label_seq_id 
_pdbx_struct_conn_angle.ptnr3_auth_atom_id 
_pdbx_struct_conn_angle.ptnr3_auth_asym_id 
_pdbx_struct_conn_angle.ptnr3_auth_comp_id 
_pdbx_struct_conn_angle.ptnr3_auth_seq_id 
_pdbx_struct_conn_angle.ptnr3_PDB_ins_code 
_pdbx_struct_conn_angle.ptnr3_symmetry 
_pdbx_struct_conn_angle.value 
_pdbx_struct_conn_angle.value_esd 
1  NE2 ? A HIS 16 ? A HIS 16 ? 1_555 FE ? B HEM . ? A HEM 0 ? 1_555 NA ? B HEM .  ? A HEM 0  ? 1_555 91.0  ? 
2  NE2 ? A HIS 16 ? A HIS 16 ? 1_555 FE ? B HEM . ? A HEM 0 ? 1_555 NB ? B HEM .  ? A HEM 0  ? 1_555 89.4  ? 
3  NA  ? B HEM .  ? A HEM 0  ? 1_555 FE ? B HEM . ? A HEM 0 ? 1_555 NB ? B HEM .  ? A HEM 0  ? 1_555 89.4  ? 
4  NE2 ? A HIS 16 ? A HIS 16 ? 1_555 FE ? B HEM . ? A HEM 0 ? 1_555 NC ? B HEM .  ? A HEM 0  ? 1_555 91.7  ? 
5  NA  ? B HEM .  ? A HEM 0  ? 1_555 FE ? B HEM . ? A HEM 0 ? 1_555 NC ? B HEM .  ? A HEM 0  ? 1_555 177.2 ? 
6  NB  ? B HEM .  ? A HEM 0  ? 1_555 FE ? B HEM . ? A HEM 0 ? 1_555 NC ? B HEM .  ? A HEM 0  ? 1_555 90.0  ? 
7  NE2 ? A HIS 16 ? A HIS 16 ? 1_555 FE ? B HEM . ? A HEM 0 ? 1_555 ND ? B HEM .  ? A HEM 0  ? 1_555 92.7  ? 
8  NA  ? B HEM .  ? A HEM 0  ? 1_555 FE ? B HEM . ? A HEM 0 ? 1_555 ND ? B HEM .  ? A HEM 0  ? 1_555 89.9  ? 
9  NB  ? B HEM .  ? A HEM 0  ? 1_555 FE ? B HEM . ? A HEM 0 ? 1_555 ND ? B HEM .  ? A HEM 0  ? 1_555 177.8 ? 
10 NC  ? B HEM .  ? A HEM 0  ? 1_555 FE ? B HEM . ? A HEM 0 ? 1_555 ND ? B HEM .  ? A HEM 0  ? 1_555 90.6  ? 
11 NE2 ? A HIS 16 ? A HIS 16 ? 1_555 FE ? B HEM . ? A HEM 0 ? 1_555 SD ? A MET 61 ? A MET 61 ? 1_555 174.0 ? 
12 NA  ? B HEM .  ? A HEM 0  ? 1_555 FE ? B HEM . ? A HEM 0 ? 1_555 SD ? A MET 61 ? A MET 61 ? 1_555 89.0  ? 
13 NB  ? B HEM .  ? A HEM 0  ? 1_555 FE ? B HEM . ? A HEM 0 ? 1_555 SD ? A MET 61 ? A MET 61 ? 1_555 84.7  ? 
14 NC  ? B HEM .  ? A HEM 0  ? 1_555 FE ? B HEM . ? A HEM 0 ? 1_555 SD ? A MET 61 ? A MET 61 ? 1_555 88.3  ? 
15 ND  ? B HEM .  ? A HEM 0  ? 1_555 FE ? B HEM . ? A HEM 0 ? 1_555 SD ? A MET 61 ? A MET 61 ? 1_555 93.2  ? 
# 
loop_
_pdbx_modification_feature.ordinal 
_pdbx_modification_feature.label_comp_id 
_pdbx_modification_feature.label_asym_id 
_pdbx_modification_feature.label_seq_id 
_pdbx_modification_feature.label_alt_id 
_pdbx_modification_feature.modified_residue_label_comp_id 
_pdbx_modification_feature.modified_residue_label_asym_id 
_pdbx_modification_feature.modified_residue_label_seq_id 
_pdbx_modification_feature.modified_residue_label_alt_id 
_pdbx_modification_feature.auth_comp_id 
_pdbx_modification_feature.auth_asym_id 
_pdbx_modification_feature.auth_seq_id 
_pdbx_modification_feature.PDB_ins_code 
_pdbx_modification_feature.symmetry 
_pdbx_modification_feature.modified_residue_auth_comp_id 
_pdbx_modification_feature.modified_residue_auth_asym_id 
_pdbx_modification_feature.modified_residue_auth_seq_id 
_pdbx_modification_feature.modified_residue_PDB_ins_code 
_pdbx_modification_feature.modified_residue_symmetry 
_pdbx_modification_feature.comp_id_linking_atom 
_pdbx_modification_feature.modified_residue_id_linking_atom 
_pdbx_modification_feature.modified_residue_id 
_pdbx_modification_feature.ref_pcm_id 
_pdbx_modification_feature.ref_comp_id 
_pdbx_modification_feature.type 
_pdbx_modification_feature.category 
1 HEM B . ? CYS A 12 ? HEM A 0 ? 1_555 CYS A 12 ? 1_555 CAB SG CYS 2 HEM None Heme/heme-like 
2 HEM B . ? CYS A 15 ? HEM A 0 ? 1_555 CYS A 15 ? 1_555 CAC SG CYS 3 HEM None Heme/heme-like 
# 
_struct_site.id                   AC1 
_struct_site.pdbx_evidence_code   Software 
_struct_site.pdbx_auth_asym_id    A 
_struct_site.pdbx_auth_comp_id    HEM 
_struct_site.pdbx_auth_seq_id     0 
_struct_site.pdbx_auth_ins_code   ? 
_struct_site.pdbx_num_residues    18 
_struct_site.details              'BINDING SITE FOR RESIDUE HEM A 0' 
# 
loop_
_struct_site_gen.id 
_struct_site_gen.site_id 
_struct_site_gen.pdbx_num_res 
_struct_site_gen.label_comp_id 
_struct_site_gen.label_asym_id 
_struct_site_gen.label_seq_id 
_struct_site_gen.pdbx_auth_ins_code 
_struct_site_gen.auth_comp_id 
_struct_site_gen.auth_asym_id 
_struct_site_gen.auth_seq_id 
_struct_site_gen.label_atom_id 
_struct_site_gen.label_alt_id 
_struct_site_gen.symmetry 
_struct_site_gen.details 
1  AC1 18 CYS A 12 ? CYS A 12 . ? 1_555 ? 
2  AC1 18 CYS A 15 ? CYS A 15 . ? 1_555 ? 
3  AC1 18 HIS A 16 ? HIS A 16 . ? 1_555 ? 
4  AC1 18 GLY A 24 ? GLY A 24 . ? 1_555 ? 
5  AC1 18 PRO A 25 ? PRO A 25 . ? 1_555 ? 
6  AC1 18 TYR A 27 ? TYR A 27 . ? 1_555 ? 
7  AC1 18 PHE A 34 ? PHE A 34 . ? 1_555 ? 
8  AC1 18 LEU A 44 ? LEU A 44 . ? 1_555 ? 
9  AC1 18 ARG A 47 ? ARG A 47 . ? 1_555 ? 
10 AC1 18 SER A 52 ? SER A 52 . ? 1_555 ? 
11 AC1 18 GLN A 53 ? GLN A 53 . ? 1_555 ? 
12 AC1 18 GLY A 54 ? GLY A 54 . ? 1_555 ? 
13 AC1 18 VAL A 55 ? VAL A 55 . ? 1_555 ? 
14 AC1 18 TRP A 56 ? TRP A 56 . ? 1_555 ? 
15 AC1 18 GLY A 57 ? GLY A 57 . ? 1_555 ? 
16 AC1 18 MET A 61 ? MET A 61 . ? 1_555 ? 
17 AC1 18 ASN A 64 ? ASN A 64 . ? 1_555 ? 
18 AC1 18 HOH C .  ? HOH A 84 . ? 1_555 ? 
# 
_pdbx_entry_details.entry_id                   451C 
_pdbx_entry_details.compound_details           ? 
_pdbx_entry_details.source_details             ? 
_pdbx_entry_details.nonpolymer_details         ? 
_pdbx_entry_details.sequence_details           ? 
_pdbx_entry_details.has_ligand_of_interest     ? 
_pdbx_entry_details.has_protein_modification   Y 
# 
_pdbx_validate_close_contact.id               1 
_pdbx_validate_close_contact.PDB_model_num    1 
_pdbx_validate_close_contact.auth_atom_id_1   O 
_pdbx_validate_close_contact.auth_asym_id_1   A 
_pdbx_validate_close_contact.auth_comp_id_1   HOH 
_pdbx_validate_close_contact.auth_seq_id_1    103 
_pdbx_validate_close_contact.PDB_ins_code_1   ? 
_pdbx_validate_close_contact.label_alt_id_1   ? 
_pdbx_validate_close_contact.auth_atom_id_2   O 
_pdbx_validate_close_contact.auth_asym_id_2   A 
_pdbx_validate_close_contact.auth_comp_id_2   HOH 
_pdbx_validate_close_contact.auth_seq_id_2    152 
_pdbx_validate_close_contact.PDB_ins_code_2   ? 
_pdbx_validate_close_contact.label_alt_id_2   ? 
_pdbx_validate_close_contact.dist             2.13 
# 
loop_
_pdbx_validate_rmsd_bond.id 
_pdbx_validate_rmsd_bond.PDB_model_num 
_pdbx_validate_rmsd_bond.auth_atom_id_1 
_pdbx_validate_rmsd_bond.auth_asym_id_1 
_pdbx_validate_rmsd_bond.auth_comp_id_1 
_pdbx_validate_rmsd_bond.auth_seq_id_1 
_pdbx_validate_rmsd_bond.PDB_ins_code_1 
_pdbx_validate_rmsd_bond.label_alt_id_1 
_pdbx_validate_rmsd_bond.auth_atom_id_2 
_pdbx_validate_rmsd_bond.auth_asym_id_2 
_pdbx_validate_rmsd_bond.auth_comp_id_2 
_pdbx_validate_rmsd_bond.auth_seq_id_2 
_pdbx_validate_rmsd_bond.PDB_ins_code_2 
_pdbx_validate_rmsd_bond.label_alt_id_2 
_pdbx_validate_rmsd_bond.bond_value 
_pdbx_validate_rmsd_bond.bond_target_value 
_pdbx_validate_rmsd_bond.bond_deviation 
_pdbx_validate_rmsd_bond.bond_standard_deviation 
_pdbx_validate_rmsd_bond.linker_flag 
1 1 NE1 A TRP 56 ? ? CE2 A TRP 56 ? ? 1.279 1.371 -0.092 0.013 N 
2 1 NE1 A TRP 77 ? ? CE2 A TRP 77 ? ? 1.282 1.371 -0.089 0.013 N 
# 
loop_
_pdbx_validate_rmsd_angle.id 
_pdbx_validate_rmsd_angle.PDB_model_num 
_pdbx_validate_rmsd_angle.auth_atom_id_1 
_pdbx_validate_rmsd_angle.auth_asym_id_1 
_pdbx_validate_rmsd_angle.auth_comp_id_1 
_pdbx_validate_rmsd_angle.auth_seq_id_1 
_pdbx_validate_rmsd_angle.PDB_ins_code_1 
_pdbx_validate_rmsd_angle.label_alt_id_1 
_pdbx_validate_rmsd_angle.auth_atom_id_2 
_pdbx_validate_rmsd_angle.auth_asym_id_2 
_pdbx_validate_rmsd_angle.auth_comp_id_2 
_pdbx_validate_rmsd_angle.auth_seq_id_2 
_pdbx_validate_rmsd_angle.PDB_ins_code_2 
_pdbx_validate_rmsd_angle.label_alt_id_2 
_pdbx_validate_rmsd_angle.auth_atom_id_3 
_pdbx_validate_rmsd_angle.auth_asym_id_3 
_pdbx_validate_rmsd_angle.auth_comp_id_3 
_pdbx_validate_rmsd_angle.auth_seq_id_3 
_pdbx_validate_rmsd_angle.PDB_ins_code_3 
_pdbx_validate_rmsd_angle.label_alt_id_3 
_pdbx_validate_rmsd_angle.angle_value 
_pdbx_validate_rmsd_angle.angle_target_value 
_pdbx_validate_rmsd_angle.angle_deviation 
_pdbx_validate_rmsd_angle.angle_standard_deviation 
_pdbx_validate_rmsd_angle.linker_flag 
1 1 CA A ILE 18 ? ? CB A ILE 18 ? ? CG1 A ILE 18 ? ? 124.49 111.00 13.49 1.90 N 
2 1 NE A ARG 47 ? ? CZ A ARG 47 ? ? NH1 A ARG 47 ? ? 117.25 120.30 -3.05 0.50 N 
3 1 NE A ARG 47 ? ? CZ A ARG 47 ? ? NH2 A ARG 47 ? ? 125.07 120.30 4.77  0.50 N 
4 1 CB A ASP 69 ? ? CG A ASP 69 ? ? OD2 A ASP 69 ? ? 111.39 118.30 -6.91 0.90 N 
# 
loop_
_pdbx_validate_torsion.id 
_pdbx_validate_torsion.PDB_model_num 
_pdbx_validate_torsion.auth_comp_id 
_pdbx_validate_torsion.auth_asym_id 
_pdbx_validate_torsion.auth_seq_id 
_pdbx_validate_torsion.PDB_ins_code 
_pdbx_validate_torsion.label_alt_id 
_pdbx_validate_torsion.phi 
_pdbx_validate_torsion.psi 
1 1 MET A 22 ? ? -111.96 -98.05  
2 1 ALA A 35 ? ? 23.66   -103.07 
# 
_pdbx_validate_chiral.id              1 
_pdbx_validate_chiral.PDB_model_num   1 
_pdbx_validate_chiral.auth_atom_id    CB 
_pdbx_validate_chiral.label_alt_id    ? 
_pdbx_validate_chiral.auth_asym_id    A 
_pdbx_validate_chiral.auth_comp_id    ILE 
_pdbx_validate_chiral.auth_seq_id     18 
_pdbx_validate_chiral.PDB_ins_code    ? 
_pdbx_validate_chiral.details         PLANAR 
_pdbx_validate_chiral.omega           . 
# 
loop_
_pdbx_validate_planes.id 
_pdbx_validate_planes.PDB_model_num 
_pdbx_validate_planes.auth_comp_id 
_pdbx_validate_planes.auth_asym_id 
_pdbx_validate_planes.auth_seq_id 
_pdbx_validate_planes.PDB_ins_code 
_pdbx_validate_planes.label_alt_id 
_pdbx_validate_planes.rmsd 
_pdbx_validate_planes.type 
1 1 ASN A 50 ? ? 0.080 'SIDE CHAIN' 
2 1 GLN A 53 ? ? 0.070 'SIDE CHAIN' 
# 
loop_
_chem_comp_atom.comp_id 
_chem_comp_atom.atom_id 
_chem_comp_atom.type_symbol 
_chem_comp_atom.pdbx_aromatic_flag 
_chem_comp_atom.pdbx_stereo_config 
_chem_comp_atom.pdbx_ordinal 
ALA N    N  N N 1   
ALA CA   C  N S 2   
ALA C    C  N N 3   
ALA O    O  N N 4   
ALA CB   C  N N 5   
ALA OXT  O  N N 6   
ALA H    H  N N 7   
ALA H2   H  N N 8   
ALA HA   H  N N 9   
ALA HB1  H  N N 10  
ALA HB2  H  N N 11  
ALA HB3  H  N N 12  
ALA HXT  H  N N 13  
ARG N    N  N N 14  
ARG CA   C  N S 15  
ARG C    C  N N 16  
ARG O    O  N N 17  
ARG CB   C  N N 18  
ARG CG   C  N N 19  
ARG CD   C  N N 20  
ARG NE   N  N N 21  
ARG CZ   C  N N 22  
ARG NH1  N  N N 23  
ARG NH2  N  N N 24  
ARG OXT  O  N N 25  
ARG H    H  N N 26  
ARG H2   H  N N 27  
ARG HA   H  N N 28  
ARG HB2  H  N N 29  
ARG HB3  H  N N 30  
ARG HG2  H  N N 31  
ARG HG3  H  N N 32  
ARG HD2  H  N N 33  
ARG HD3  H  N N 34  
ARG HE   H  N N 35  
ARG HH11 H  N N 36  
ARG HH12 H  N N 37  
ARG HH21 H  N N 38  
ARG HH22 H  N N 39  
ARG HXT  H  N N 40  
ASN N    N  N N 41  
ASN CA   C  N S 42  
ASN C    C  N N 43  
ASN O    O  N N 44  
ASN CB   C  N N 45  
ASN CG   C  N N 46  
ASN OD1  O  N N 47  
ASN ND2  N  N N 48  
ASN OXT  O  N N 49  
ASN H    H  N N 50  
ASN H2   H  N N 51  
ASN HA   H  N N 52  
ASN HB2  H  N N 53  
ASN HB3  H  N N 54  
ASN HD21 H  N N 55  
ASN HD22 H  N N 56  
ASN HXT  H  N N 57  
ASP N    N  N N 58  
ASP CA   C  N S 59  
ASP C    C  N N 60  
ASP O    O  N N 61  
ASP CB   C  N N 62  
ASP CG   C  N N 63  
ASP OD1  O  N N 64  
ASP OD2  O  N N 65  
ASP OXT  O  N N 66  
ASP H    H  N N 67  
ASP H2   H  N N 68  
ASP HA   H  N N 69  
ASP HB2  H  N N 70  
ASP HB3  H  N N 71  
ASP HD2  H  N N 72  
ASP HXT  H  N N 73  
CYS N    N  N N 74  
CYS CA   C  N R 75  
CYS C    C  N N 76  
CYS O    O  N N 77  
CYS CB   C  N N 78  
CYS SG   S  N N 79  
CYS OXT  O  N N 80  
CYS H    H  N N 81  
CYS H2   H  N N 82  
CYS HA   H  N N 83  
CYS HB2  H  N N 84  
CYS HB3  H  N N 85  
CYS HG   H  N N 86  
CYS HXT  H  N N 87  
GLN N    N  N N 88  
GLN CA   C  N S 89  
GLN C    C  N N 90  
GLN O    O  N N 91  
GLN CB   C  N N 92  
GLN CG   C  N N 93  
GLN CD   C  N N 94  
GLN OE1  O  N N 95  
GLN NE2  N  N N 96  
GLN OXT  O  N N 97  
GLN H    H  N N 98  
GLN H2   H  N N 99  
GLN HA   H  N N 100 
GLN HB2  H  N N 101 
GLN HB3  H  N N 102 
GLN HG2  H  N N 103 
GLN HG3  H  N N 104 
GLN HE21 H  N N 105 
GLN HE22 H  N N 106 
GLN HXT  H  N N 107 
GLU N    N  N N 108 
GLU CA   C  N S 109 
GLU C    C  N N 110 
GLU O    O  N N 111 
GLU CB   C  N N 112 
GLU CG   C  N N 113 
GLU CD   C  N N 114 
GLU OE1  O  N N 115 
GLU OE2  O  N N 116 
GLU OXT  O  N N 117 
GLU H    H  N N 118 
GLU H2   H  N N 119 
GLU HA   H  N N 120 
GLU HB2  H  N N 121 
GLU HB3  H  N N 122 
GLU HG2  H  N N 123 
GLU HG3  H  N N 124 
GLU HE2  H  N N 125 
GLU HXT  H  N N 126 
GLY N    N  N N 127 
GLY CA   C  N N 128 
GLY C    C  N N 129 
GLY O    O  N N 130 
GLY OXT  O  N N 131 
GLY H    H  N N 132 
GLY H2   H  N N 133 
GLY HA2  H  N N 134 
GLY HA3  H  N N 135 
GLY HXT  H  N N 136 
HEM CHA  C  N N 137 
HEM CHB  C  N N 138 
HEM CHC  C  N N 139 
HEM CHD  C  N N 140 
HEM C1A  C  Y N 141 
HEM C2A  C  Y N 142 
HEM C3A  C  Y N 143 
HEM C4A  C  Y N 144 
HEM CMA  C  N N 145 
HEM CAA  C  N N 146 
HEM CBA  C  N N 147 
HEM CGA  C  N N 148 
HEM O1A  O  N N 149 
HEM O2A  O  N N 150 
HEM C1B  C  N N 151 
HEM C2B  C  N N 152 
HEM C3B  C  N N 153 
HEM C4B  C  N N 154 
HEM CMB  C  N N 155 
HEM CAB  C  N N 156 
HEM CBB  C  N N 157 
HEM C1C  C  Y N 158 
HEM C2C  C  Y N 159 
HEM C3C  C  Y N 160 
HEM C4C  C  Y N 161 
HEM CMC  C  N N 162 
HEM CAC  C  N N 163 
HEM CBC  C  N N 164 
HEM C1D  C  N N 165 
HEM C2D  C  N N 166 
HEM C3D  C  N N 167 
HEM C4D  C  N N 168 
HEM CMD  C  N N 169 
HEM CAD  C  N N 170 
HEM CBD  C  N N 171 
HEM CGD  C  N N 172 
HEM O1D  O  N N 173 
HEM O2D  O  N N 174 
HEM NA   N  Y N 175 
HEM NB   N  N N 176 
HEM NC   N  Y N 177 
HEM ND   N  N N 178 
HEM FE   FE N N 179 
HEM HHB  H  N N 180 
HEM HHC  H  N N 181 
HEM HHD  H  N N 182 
HEM HMA  H  N N 183 
HEM HMAA H  N N 184 
HEM HMAB H  N N 185 
HEM HAA  H  N N 186 
HEM HAAA H  N N 187 
HEM HBA  H  N N 188 
HEM HBAA H  N N 189 
HEM HMB  H  N N 190 
HEM HMBA H  N N 191 
HEM HMBB H  N N 192 
HEM HAB  H  N N 193 
HEM HBB  H  N N 194 
HEM HBBA H  N N 195 
HEM HMC  H  N N 196 
HEM HMCA H  N N 197 
HEM HMCB H  N N 198 
HEM HAC  H  N N 199 
HEM HBC  H  N N 200 
HEM HBCA H  N N 201 
HEM HMD  H  N N 202 
HEM HMDA H  N N 203 
HEM HMDB H  N N 204 
HEM HAD  H  N N 205 
HEM HADA H  N N 206 
HEM HBD  H  N N 207 
HEM HBDA H  N N 208 
HEM H2A  H  N N 209 
HEM H2D  H  N N 210 
HEM HHA  H  N N 211 
HIS N    N  N N 212 
HIS CA   C  N S 213 
HIS C    C  N N 214 
HIS O    O  N N 215 
HIS CB   C  N N 216 
HIS CG   C  Y N 217 
HIS ND1  N  Y N 218 
HIS CD2  C  Y N 219 
HIS CE1  C  Y N 220 
HIS NE2  N  Y N 221 
HIS OXT  O  N N 222 
HIS H    H  N N 223 
HIS H2   H  N N 224 
HIS HA   H  N N 225 
HIS HB2  H  N N 226 
HIS HB3  H  N N 227 
HIS HD1  H  N N 228 
HIS HD2  H  N N 229 
HIS HE1  H  N N 230 
HIS HE2  H  N N 231 
HIS HXT  H  N N 232 
HOH O    O  N N 233 
HOH H1   H  N N 234 
HOH H2   H  N N 235 
ILE N    N  N N 236 
ILE CA   C  N S 237 
ILE C    C  N N 238 
ILE O    O  N N 239 
ILE CB   C  N S 240 
ILE CG1  C  N N 241 
ILE CG2  C  N N 242 
ILE CD1  C  N N 243 
ILE OXT  O  N N 244 
ILE H    H  N N 245 
ILE H2   H  N N 246 
ILE HA   H  N N 247 
ILE HB   H  N N 248 
ILE HG12 H  N N 249 
ILE HG13 H  N N 250 
ILE HG21 H  N N 251 
ILE HG22 H  N N 252 
ILE HG23 H  N N 253 
ILE HD11 H  N N 254 
ILE HD12 H  N N 255 
ILE HD13 H  N N 256 
ILE HXT  H  N N 257 
LEU N    N  N N 258 
LEU CA   C  N S 259 
LEU C    C  N N 260 
LEU O    O  N N 261 
LEU CB   C  N N 262 
LEU CG   C  N N 263 
LEU CD1  C  N N 264 
LEU CD2  C  N N 265 
LEU OXT  O  N N 266 
LEU H    H  N N 267 
LEU H2   H  N N 268 
LEU HA   H  N N 269 
LEU HB2  H  N N 270 
LEU HB3  H  N N 271 
LEU HG   H  N N 272 
LEU HD11 H  N N 273 
LEU HD12 H  N N 274 
LEU HD13 H  N N 275 
LEU HD21 H  N N 276 
LEU HD22 H  N N 277 
LEU HD23 H  N N 278 
LEU HXT  H  N N 279 
LYS N    N  N N 280 
LYS CA   C  N S 281 
LYS C    C  N N 282 
LYS O    O  N N 283 
LYS CB   C  N N 284 
LYS CG   C  N N 285 
LYS CD   C  N N 286 
LYS CE   C  N N 287 
LYS NZ   N  N N 288 
LYS OXT  O  N N 289 
LYS H    H  N N 290 
LYS H2   H  N N 291 
LYS HA   H  N N 292 
LYS HB2  H  N N 293 
LYS HB3  H  N N 294 
LYS HG2  H  N N 295 
LYS HG3  H  N N 296 
LYS HD2  H  N N 297 
LYS HD3  H  N N 298 
LYS HE2  H  N N 299 
LYS HE3  H  N N 300 
LYS HZ1  H  N N 301 
LYS HZ2  H  N N 302 
LYS HZ3  H  N N 303 
LYS HXT  H  N N 304 
MET N    N  N N 305 
MET CA   C  N S 306 
MET C    C  N N 307 
MET O    O  N N 308 
MET CB   C  N N 309 
MET CG   C  N N 310 
MET SD   S  N N 311 
MET CE   C  N N 312 
MET OXT  O  N N 313 
MET H    H  N N 314 
MET H2   H  N N 315 
MET HA   H  N N 316 
MET HB2  H  N N 317 
MET HB3  H  N N 318 
MET HG2  H  N N 319 
MET HG3  H  N N 320 
MET HE1  H  N N 321 
MET HE2  H  N N 322 
MET HE3  H  N N 323 
MET HXT  H  N N 324 
PHE N    N  N N 325 
PHE CA   C  N S 326 
PHE C    C  N N 327 
PHE O    O  N N 328 
PHE CB   C  N N 329 
PHE CG   C  Y N 330 
PHE CD1  C  Y N 331 
PHE CD2  C  Y N 332 
PHE CE1  C  Y N 333 
PHE CE2  C  Y N 334 
PHE CZ   C  Y N 335 
PHE OXT  O  N N 336 
PHE H    H  N N 337 
PHE H2   H  N N 338 
PHE HA   H  N N 339 
PHE HB2  H  N N 340 
PHE HB3  H  N N 341 
PHE HD1  H  N N 342 
PHE HD2  H  N N 343 
PHE HE1  H  N N 344 
PHE HE2  H  N N 345 
PHE HZ   H  N N 346 
PHE HXT  H  N N 347 
PRO N    N  N N 348 
PRO CA   C  N S 349 
PRO C    C  N N 350 
PRO O    O  N N 351 
PRO CB   C  N N 352 
PRO CG   C  N N 353 
PRO CD   C  N N 354 
PRO OXT  O  N N 355 
PRO H    H  N N 356 
PRO HA   H  N N 357 
PRO HB2  H  N N 358 
PRO HB3  H  N N 359 
PRO HG2  H  N N 360 
PRO HG3  H  N N 361 
PRO HD2  H  N N 362 
PRO HD3  H  N N 363 
PRO HXT  H  N N 364 
SER N    N  N N 365 
SER CA   C  N S 366 
SER C    C  N N 367 
SER O    O  N N 368 
SER CB   C  N N 369 
SER OG   O  N N 370 
SER OXT  O  N N 371 
SER H    H  N N 372 
SER H2   H  N N 373 
SER HA   H  N N 374 
SER HB2  H  N N 375 
SER HB3  H  N N 376 
SER HG   H  N N 377 
SER HXT  H  N N 378 
THR N    N  N N 379 
THR CA   C  N S 380 
THR C    C  N N 381 
THR O    O  N N 382 
THR CB   C  N R 383 
THR OG1  O  N N 384 
THR CG2  C  N N 385 
THR OXT  O  N N 386 
THR H    H  N N 387 
THR H2   H  N N 388 
THR HA   H  N N 389 
THR HB   H  N N 390 
THR HG1  H  N N 391 
THR HG21 H  N N 392 
THR HG22 H  N N 393 
THR HG23 H  N N 394 
THR HXT  H  N N 395 
TRP N    N  N N 396 
TRP CA   C  N S 397 
TRP C    C  N N 398 
TRP O    O  N N 399 
TRP CB   C  N N 400 
TRP CG   C  Y N 401 
TRP CD1  C  Y N 402 
TRP CD2  C  Y N 403 
TRP NE1  N  Y N 404 
TRP CE2  C  Y N 405 
TRP CE3  C  Y N 406 
TRP CZ2  C  Y N 407 
TRP CZ3  C  Y N 408 
TRP CH2  C  Y N 409 
TRP OXT  O  N N 410 
TRP H    H  N N 411 
TRP H2   H  N N 412 
TRP HA   H  N N 413 
TRP HB2  H  N N 414 
TRP HB3  H  N N 415 
TRP HD1  H  N N 416 
TRP HE1  H  N N 417 
TRP HE3  H  N N 418 
TRP HZ2  H  N N 419 
TRP HZ3  H  N N 420 
TRP HH2  H  N N 421 
TRP HXT  H  N N 422 
TYR N    N  N N 423 
TYR CA   C  N S 424 
TYR C    C  N N 425 
TYR O    O  N N 426 
TYR CB   C  N N 427 
TYR CG   C  Y N 428 
TYR CD1  C  Y N 429 
TYR CD2  C  Y N 430 
TYR CE1  C  Y N 431 
TYR CE2  C  Y N 432 
TYR CZ   C  Y N 433 
TYR OH   O  N N 434 
TYR OXT  O  N N 435 
TYR H    H  N N 436 
TYR H2   H  N N 437 
TYR HA   H  N N 438 
TYR HB2  H  N N 439 
TYR HB3  H  N N 440 
TYR HD1  H  N N 441 
TYR HD2  H  N N 442 
TYR HE1  H  N N 443 
TYR HE2  H  N N 444 
TYR HH   H  N N 445 
TYR HXT  H  N N 446 
VAL N    N  N N 447 
VAL CA   C  N S 448 
VAL C    C  N N 449 
VAL O    O  N N 450 
VAL CB   C  N N 451 
VAL CG1  C  N N 452 
VAL CG2  C  N N 453 
VAL OXT  O  N N 454 
VAL H    H  N N 455 
VAL H2   H  N N 456 
VAL HA   H  N N 457 
VAL HB   H  N N 458 
VAL HG11 H  N N 459 
VAL HG12 H  N N 460 
VAL HG13 H  N N 461 
VAL HG21 H  N N 462 
VAL HG22 H  N N 463 
VAL HG23 H  N N 464 
VAL HXT  H  N N 465 
# 
loop_
_chem_comp_bond.comp_id 
_chem_comp_bond.atom_id_1 
_chem_comp_bond.atom_id_2 
_chem_comp_bond.value_order 
_chem_comp_bond.pdbx_aromatic_flag 
_chem_comp_bond.pdbx_stereo_config 
_chem_comp_bond.pdbx_ordinal 
ALA N   CA   sing N N 1   
ALA N   H    sing N N 2   
ALA N   H2   sing N N 3   
ALA CA  C    sing N N 4   
ALA CA  CB   sing N N 5   
ALA CA  HA   sing N N 6   
ALA C   O    doub N N 7   
ALA C   OXT  sing N N 8   
ALA CB  HB1  sing N N 9   
ALA CB  HB2  sing N N 10  
ALA CB  HB3  sing N N 11  
ALA OXT HXT  sing N N 12  
ARG N   CA   sing N N 13  
ARG N   H    sing N N 14  
ARG N   H2   sing N N 15  
ARG CA  C    sing N N 16  
ARG CA  CB   sing N N 17  
ARG CA  HA   sing N N 18  
ARG C   O    doub N N 19  
ARG C   OXT  sing N N 20  
ARG CB  CG   sing N N 21  
ARG CB  HB2  sing N N 22  
ARG CB  HB3  sing N N 23  
ARG CG  CD   sing N N 24  
ARG CG  HG2  sing N N 25  
ARG CG  HG3  sing N N 26  
ARG CD  NE   sing N N 27  
ARG CD  HD2  sing N N 28  
ARG CD  HD3  sing N N 29  
ARG NE  CZ   sing N N 30  
ARG NE  HE   sing N N 31  
ARG CZ  NH1  sing N N 32  
ARG CZ  NH2  doub N N 33  
ARG NH1 HH11 sing N N 34  
ARG NH1 HH12 sing N N 35  
ARG NH2 HH21 sing N N 36  
ARG NH2 HH22 sing N N 37  
ARG OXT HXT  sing N N 38  
ASN N   CA   sing N N 39  
ASN N   H    sing N N 40  
ASN N   H2   sing N N 41  
ASN CA  C    sing N N 42  
ASN CA  CB   sing N N 43  
ASN CA  HA   sing N N 44  
ASN C   O    doub N N 45  
ASN C   OXT  sing N N 46  
ASN CB  CG   sing N N 47  
ASN CB  HB2  sing N N 48  
ASN CB  HB3  sing N N 49  
ASN CG  OD1  doub N N 50  
ASN CG  ND2  sing N N 51  
ASN ND2 HD21 sing N N 52  
ASN ND2 HD22 sing N N 53  
ASN OXT HXT  sing N N 54  
ASP N   CA   sing N N 55  
ASP N   H    sing N N 56  
ASP N   H2   sing N N 57  
ASP CA  C    sing N N 58  
ASP CA  CB   sing N N 59  
ASP CA  HA   sing N N 60  
ASP C   O    doub N N 61  
ASP C   OXT  sing N N 62  
ASP CB  CG   sing N N 63  
ASP CB  HB2  sing N N 64  
ASP CB  HB3  sing N N 65  
ASP CG  OD1  doub N N 66  
ASP CG  OD2  sing N N 67  
ASP OD2 HD2  sing N N 68  
ASP OXT HXT  sing N N 69  
CYS N   CA   sing N N 70  
CYS N   H    sing N N 71  
CYS N   H2   sing N N 72  
CYS CA  C    sing N N 73  
CYS CA  CB   sing N N 74  
CYS CA  HA   sing N N 75  
CYS C   O    doub N N 76  
CYS C   OXT  sing N N 77  
CYS CB  SG   sing N N 78  
CYS CB  HB2  sing N N 79  
CYS CB  HB3  sing N N 80  
CYS SG  HG   sing N N 81  
CYS OXT HXT  sing N N 82  
GLN N   CA   sing N N 83  
GLN N   H    sing N N 84  
GLN N   H2   sing N N 85  
GLN CA  C    sing N N 86  
GLN CA  CB   sing N N 87  
GLN CA  HA   sing N N 88  
GLN C   O    doub N N 89  
GLN C   OXT  sing N N 90  
GLN CB  CG   sing N N 91  
GLN CB  HB2  sing N N 92  
GLN CB  HB3  sing N N 93  
GLN CG  CD   sing N N 94  
GLN CG  HG2  sing N N 95  
GLN CG  HG3  sing N N 96  
GLN CD  OE1  doub N N 97  
GLN CD  NE2  sing N N 98  
GLN NE2 HE21 sing N N 99  
GLN NE2 HE22 sing N N 100 
GLN OXT HXT  sing N N 101 
GLU N   CA   sing N N 102 
GLU N   H    sing N N 103 
GLU N   H2   sing N N 104 
GLU CA  C    sing N N 105 
GLU CA  CB   sing N N 106 
GLU CA  HA   sing N N 107 
GLU C   O    doub N N 108 
GLU C   OXT  sing N N 109 
GLU CB  CG   sing N N 110 
GLU CB  HB2  sing N N 111 
GLU CB  HB3  sing N N 112 
GLU CG  CD   sing N N 113 
GLU CG  HG2  sing N N 114 
GLU CG  HG3  sing N N 115 
GLU CD  OE1  doub N N 116 
GLU CD  OE2  sing N N 117 
GLU OE2 HE2  sing N N 118 
GLU OXT HXT  sing N N 119 
GLY N   CA   sing N N 120 
GLY N   H    sing N N 121 
GLY N   H2   sing N N 122 
GLY CA  C    sing N N 123 
GLY CA  HA2  sing N N 124 
GLY CA  HA3  sing N N 125 
GLY C   O    doub N N 126 
GLY C   OXT  sing N N 127 
GLY OXT HXT  sing N N 128 
HEM CHA C1A  sing N N 129 
HEM CHA C4D  doub N N 130 
HEM CHA HHA  sing N N 131 
HEM CHB C4A  sing N N 132 
HEM CHB C1B  doub N N 133 
HEM CHB HHB  sing N N 134 
HEM CHC C4B  sing N N 135 
HEM CHC C1C  doub N N 136 
HEM CHC HHC  sing N N 137 
HEM CHD C4C  doub N N 138 
HEM CHD C1D  sing N N 139 
HEM CHD HHD  sing N N 140 
HEM C1A C2A  doub Y N 141 
HEM C1A NA   sing Y N 142 
HEM C2A C3A  sing Y N 143 
HEM C2A CAA  sing N N 144 
HEM C3A C4A  doub Y N 145 
HEM C3A CMA  sing N N 146 
HEM C4A NA   sing Y N 147 
HEM CMA HMA  sing N N 148 
HEM CMA HMAA sing N N 149 
HEM CMA HMAB sing N N 150 
HEM CAA CBA  sing N N 151 
HEM CAA HAA  sing N N 152 
HEM CAA HAAA sing N N 153 
HEM CBA CGA  sing N N 154 
HEM CBA HBA  sing N N 155 
HEM CBA HBAA sing N N 156 
HEM CGA O1A  doub N N 157 
HEM CGA O2A  sing N N 158 
HEM C1B C2B  sing N N 159 
HEM C1B NB   sing N N 160 
HEM C2B C3B  doub N N 161 
HEM C2B CMB  sing N N 162 
HEM C3B C4B  sing N N 163 
HEM C3B CAB  sing N N 164 
HEM C4B NB   doub N N 165 
HEM CMB HMB  sing N N 166 
HEM CMB HMBA sing N N 167 
HEM CMB HMBB sing N N 168 
HEM CAB CBB  doub N N 169 
HEM CAB HAB  sing N N 170 
HEM CBB HBB  sing N N 171 
HEM CBB HBBA sing N N 172 
HEM C1C C2C  sing Y N 173 
HEM C1C NC   sing Y N 174 
HEM C2C C3C  doub Y N 175 
HEM C2C CMC  sing N N 176 
HEM C3C C4C  sing Y N 177 
HEM C3C CAC  sing N N 178 
HEM C4C NC   sing Y N 179 
HEM CMC HMC  sing N N 180 
HEM CMC HMCA sing N N 181 
HEM CMC HMCB sing N N 182 
HEM CAC CBC  doub N N 183 
HEM CAC HAC  sing N N 184 
HEM CBC HBC  sing N N 185 
HEM CBC HBCA sing N N 186 
HEM C1D C2D  sing N N 187 
HEM C1D ND   doub N N 188 
HEM C2D C3D  doub N N 189 
HEM C2D CMD  sing N N 190 
HEM C3D C4D  sing N N 191 
HEM C3D CAD  sing N N 192 
HEM C4D ND   sing N N 193 
HEM CMD HMD  sing N N 194 
HEM CMD HMDA sing N N 195 
HEM CMD HMDB sing N N 196 
HEM CAD CBD  sing N N 197 
HEM CAD HAD  sing N N 198 
HEM CAD HADA sing N N 199 
HEM CBD CGD  sing N N 200 
HEM CBD HBD  sing N N 201 
HEM CBD HBDA sing N N 202 
HEM CGD O1D  doub N N 203 
HEM CGD O2D  sing N N 204 
HEM O2A H2A  sing N N 205 
HEM O2D H2D  sing N N 206 
HEM FE  NA   sing N N 207 
HEM FE  NB   sing N N 208 
HEM FE  NC   sing N N 209 
HEM FE  ND   sing N N 210 
HIS N   CA   sing N N 211 
HIS N   H    sing N N 212 
HIS N   H2   sing N N 213 
HIS CA  C    sing N N 214 
HIS CA  CB   sing N N 215 
HIS CA  HA   sing N N 216 
HIS C   O    doub N N 217 
HIS C   OXT  sing N N 218 
HIS CB  CG   sing N N 219 
HIS CB  HB2  sing N N 220 
HIS CB  HB3  sing N N 221 
HIS CG  ND1  sing Y N 222 
HIS CG  CD2  doub Y N 223 
HIS ND1 CE1  doub Y N 224 
HIS ND1 HD1  sing N N 225 
HIS CD2 NE2  sing Y N 226 
HIS CD2 HD2  sing N N 227 
HIS CE1 NE2  sing Y N 228 
HIS CE1 HE1  sing N N 229 
HIS NE2 HE2  sing N N 230 
HIS OXT HXT  sing N N 231 
HOH O   H1   sing N N 232 
HOH O   H2   sing N N 233 
ILE N   CA   sing N N 234 
ILE N   H    sing N N 235 
ILE N   H2   sing N N 236 
ILE CA  C    sing N N 237 
ILE CA  CB   sing N N 238 
ILE CA  HA   sing N N 239 
ILE C   O    doub N N 240 
ILE C   OXT  sing N N 241 
ILE CB  CG1  sing N N 242 
ILE CB  CG2  sing N N 243 
ILE CB  HB   sing N N 244 
ILE CG1 CD1  sing N N 245 
ILE CG1 HG12 sing N N 246 
ILE CG1 HG13 sing N N 247 
ILE CG2 HG21 sing N N 248 
ILE CG2 HG22 sing N N 249 
ILE CG2 HG23 sing N N 250 
ILE CD1 HD11 sing N N 251 
ILE CD1 HD12 sing N N 252 
ILE CD1 HD13 sing N N 253 
ILE OXT HXT  sing N N 254 
LEU N   CA   sing N N 255 
LEU N   H    sing N N 256 
LEU N   H2   sing N N 257 
LEU CA  C    sing N N 258 
LEU CA  CB   sing N N 259 
LEU CA  HA   sing N N 260 
LEU C   O    doub N N 261 
LEU C   OXT  sing N N 262 
LEU CB  CG   sing N N 263 
LEU CB  HB2  sing N N 264 
LEU CB  HB3  sing N N 265 
LEU CG  CD1  sing N N 266 
LEU CG  CD2  sing N N 267 
LEU CG  HG   sing N N 268 
LEU CD1 HD11 sing N N 269 
LEU CD1 HD12 sing N N 270 
LEU CD1 HD13 sing N N 271 
LEU CD2 HD21 sing N N 272 
LEU CD2 HD22 sing N N 273 
LEU CD2 HD23 sing N N 274 
LEU OXT HXT  sing N N 275 
LYS N   CA   sing N N 276 
LYS N   H    sing N N 277 
LYS N   H2   sing N N 278 
LYS CA  C    sing N N 279 
LYS CA  CB   sing N N 280 
LYS CA  HA   sing N N 281 
LYS C   O    doub N N 282 
LYS C   OXT  sing N N 283 
LYS CB  CG   sing N N 284 
LYS CB  HB2  sing N N 285 
LYS CB  HB3  sing N N 286 
LYS CG  CD   sing N N 287 
LYS CG  HG2  sing N N 288 
LYS CG  HG3  sing N N 289 
LYS CD  CE   sing N N 290 
LYS CD  HD2  sing N N 291 
LYS CD  HD3  sing N N 292 
LYS CE  NZ   sing N N 293 
LYS CE  HE2  sing N N 294 
LYS CE  HE3  sing N N 295 
LYS NZ  HZ1  sing N N 296 
LYS NZ  HZ2  sing N N 297 
LYS NZ  HZ3  sing N N 298 
LYS OXT HXT  sing N N 299 
MET N   CA   sing N N 300 
MET N   H    sing N N 301 
MET N   H2   sing N N 302 
MET CA  C    sing N N 303 
MET CA  CB   sing N N 304 
MET CA  HA   sing N N 305 
MET C   O    doub N N 306 
MET C   OXT  sing N N 307 
MET CB  CG   sing N N 308 
MET CB  HB2  sing N N 309 
MET CB  HB3  sing N N 310 
MET CG  SD   sing N N 311 
MET CG  HG2  sing N N 312 
MET CG  HG3  sing N N 313 
MET SD  CE   sing N N 314 
MET CE  HE1  sing N N 315 
MET CE  HE2  sing N N 316 
MET CE  HE3  sing N N 317 
MET OXT HXT  sing N N 318 
PHE N   CA   sing N N 319 
PHE N   H    sing N N 320 
PHE N   H2   sing N N 321 
PHE CA  C    sing N N 322 
PHE CA  CB   sing N N 323 
PHE CA  HA   sing N N 324 
PHE C   O    doub N N 325 
PHE C   OXT  sing N N 326 
PHE CB  CG   sing N N 327 
PHE CB  HB2  sing N N 328 
PHE CB  HB3  sing N N 329 
PHE CG  CD1  doub Y N 330 
PHE CG  CD2  sing Y N 331 
PHE CD1 CE1  sing Y N 332 
PHE CD1 HD1  sing N N 333 
PHE CD2 CE2  doub Y N 334 
PHE CD2 HD2  sing N N 335 
PHE CE1 CZ   doub Y N 336 
PHE CE1 HE1  sing N N 337 
PHE CE2 CZ   sing Y N 338 
PHE CE2 HE2  sing N N 339 
PHE CZ  HZ   sing N N 340 
PHE OXT HXT  sing N N 341 
PRO N   CA   sing N N 342 
PRO N   CD   sing N N 343 
PRO N   H    sing N N 344 
PRO CA  C    sing N N 345 
PRO CA  CB   sing N N 346 
PRO CA  HA   sing N N 347 
PRO C   O    doub N N 348 
PRO C   OXT  sing N N 349 
PRO CB  CG   sing N N 350 
PRO CB  HB2  sing N N 351 
PRO CB  HB3  sing N N 352 
PRO CG  CD   sing N N 353 
PRO CG  HG2  sing N N 354 
PRO CG  HG3  sing N N 355 
PRO CD  HD2  sing N N 356 
PRO CD  HD3  sing N N 357 
PRO OXT HXT  sing N N 358 
SER N   CA   sing N N 359 
SER N   H    sing N N 360 
SER N   H2   sing N N 361 
SER CA  C    sing N N 362 
SER CA  CB   sing N N 363 
SER CA  HA   sing N N 364 
SER C   O    doub N N 365 
SER C   OXT  sing N N 366 
SER CB  OG   sing N N 367 
SER CB  HB2  sing N N 368 
SER CB  HB3  sing N N 369 
SER OG  HG   sing N N 370 
SER OXT HXT  sing N N 371 
THR N   CA   sing N N 372 
THR N   H    sing N N 373 
THR N   H2   sing N N 374 
THR CA  C    sing N N 375 
THR CA  CB   sing N N 376 
THR CA  HA   sing N N 377 
THR C   O    doub N N 378 
THR C   OXT  sing N N 379 
THR CB  OG1  sing N N 380 
THR CB  CG2  sing N N 381 
THR CB  HB   sing N N 382 
THR OG1 HG1  sing N N 383 
THR CG2 HG21 sing N N 384 
THR CG2 HG22 sing N N 385 
THR CG2 HG23 sing N N 386 
THR OXT HXT  sing N N 387 
TRP N   CA   sing N N 388 
TRP N   H    sing N N 389 
TRP N   H2   sing N N 390 
TRP CA  C    sing N N 391 
TRP CA  CB   sing N N 392 
TRP CA  HA   sing N N 393 
TRP C   O    doub N N 394 
TRP C   OXT  sing N N 395 
TRP CB  CG   sing N N 396 
TRP CB  HB2  sing N N 397 
TRP CB  HB3  sing N N 398 
TRP CG  CD1  doub Y N 399 
TRP CG  CD2  sing Y N 400 
TRP CD1 NE1  sing Y N 401 
TRP CD1 HD1  sing N N 402 
TRP CD2 CE2  doub Y N 403 
TRP CD2 CE3  sing Y N 404 
TRP NE1 CE2  sing Y N 405 
TRP NE1 HE1  sing N N 406 
TRP CE2 CZ2  sing Y N 407 
TRP CE3 CZ3  doub Y N 408 
TRP CE3 HE3  sing N N 409 
TRP CZ2 CH2  doub Y N 410 
TRP CZ2 HZ2  sing N N 411 
TRP CZ3 CH2  sing Y N 412 
TRP CZ3 HZ3  sing N N 413 
TRP CH2 HH2  sing N N 414 
TRP OXT HXT  sing N N 415 
TYR N   CA   sing N N 416 
TYR N   H    sing N N 417 
TYR N   H2   sing N N 418 
TYR CA  C    sing N N 419 
TYR CA  CB   sing N N 420 
TYR CA  HA   sing N N 421 
TYR C   O    doub N N 422 
TYR C   OXT  sing N N 423 
TYR CB  CG   sing N N 424 
TYR CB  HB2  sing N N 425 
TYR CB  HB3  sing N N 426 
TYR CG  CD1  doub Y N 427 
TYR CG  CD2  sing Y N 428 
TYR CD1 CE1  sing Y N 429 
TYR CD1 HD1  sing N N 430 
TYR CD2 CE2  doub Y N 431 
TYR CD2 HD2  sing N N 432 
TYR CE1 CZ   doub Y N 433 
TYR CE1 HE1  sing N N 434 
TYR CE2 CZ   sing Y N 435 
TYR CE2 HE2  sing N N 436 
TYR CZ  OH   sing N N 437 
TYR OH  HH   sing N N 438 
TYR OXT HXT  sing N N 439 
VAL N   CA   sing N N 440 
VAL N   H    sing N N 441 
VAL N   H2   sing N N 442 
VAL CA  C    sing N N 443 
VAL CA  CB   sing N N 444 
VAL CA  HA   sing N N 445 
VAL C   O    doub N N 446 
VAL C   OXT  sing N N 447 
VAL CB  CG1  sing N N 448 
VAL CB  CG2  sing N N 449 
VAL CB  HB   sing N N 450 
VAL CG1 HG11 sing N N 451 
VAL CG1 HG12 sing N N 452 
VAL CG1 HG13 sing N N 453 
VAL CG2 HG21 sing N N 454 
VAL CG2 HG22 sing N N 455 
VAL CG2 HG23 sing N N 456 
VAL OXT HXT  sing N N 457 
# 
_atom_sites.entry_id                    451C 
_atom_sites.fract_transf_matrix[1][1]   -0.00980054 
_atom_sites.fract_transf_matrix[1][2]   0.00251691 
_atom_sites.fract_transf_matrix[1][3]   0.03238924 
_atom_sites.fract_transf_matrix[2][1]   0.01920051 
_atom_sites.fract_transf_matrix[2][2]   -0.00258014 
_atom_sites.fract_transf_matrix[2][3]   0.00601031 
_atom_sites.fract_transf_matrix[3][1]   0.00288290 
_atom_sites.fract_transf_matrix[3][2]   0.01988585 
_atom_sites.fract_transf_matrix[3][3]   -0.00067297 
_atom_sites.fract_transf_vector[1]      0.254119 
_atom_sites.fract_transf_vector[2]      -0.283277 
_atom_sites.fract_transf_vector[3]      0.272082 
# 
loop_
_atom_type.symbol 
C  
FE 
N  
O  
S  
# 
loop_
_atom_site.group_PDB 
_atom_site.id 
_atom_site.type_symbol 
_atom_site.label_atom_id 
_atom_site.label_alt_id 
_atom_site.label_comp_id 
_atom_site.label_asym_id 
_atom_site.label_entity_id 
_atom_site.label_seq_id 
_atom_site.pdbx_PDB_ins_code 
_atom_site.Cartn_x 
_atom_site.Cartn_y 
_atom_site.Cartn_z 
_atom_site.occupancy 
_atom_site.B_iso_or_equiv 
_atom_site.pdbx_formal_charge 
_atom_site.auth_seq_id 
_atom_site.auth_comp_id 
_atom_site.auth_asym_id 
_atom_site.auth_atom_id 
_atom_site.pdbx_PDB_model_num 
ATOM   1   N  N   . GLU A 1 1  ? 7.172   -5.369  -12.930 1.00 14.64 ? 1   GLU A N   1 
ATOM   2   C  CA  . GLU A 1 1  ? 8.323   -5.117  -12.072 1.00 11.95 ? 1   GLU A CA  1 
ATOM   3   C  C   . GLU A 1 1  ? 8.211   -5.811  -10.719 1.00 11.43 ? 1   GLU A C   1 
ATOM   4   O  O   . GLU A 1 1  ? 7.148   -6.339  -10.389 1.00 12.86 ? 1   GLU A O   1 
ATOM   5   C  CB  . GLU A 1 1  ? 8.438   -3.628  -11.844 1.00 6.93  ? 1   GLU A CB  1 
ATOM   6   C  CG  . GLU A 1 1  ? 8.631   -2.915  -13.163 1.00 9.45  ? 1   GLU A CG  1 
ATOM   7   C  CD  . GLU A 1 1  ? 8.601   -1.415  -12.901 1.00 25.10 ? 1   GLU A CD  1 
ATOM   8   O  OE1 . GLU A 1 1  ? 7.616   -0.796  -13.301 1.00 13.46 ? 1   GLU A OE1 1 
ATOM   9   O  OE2 . GLU A 1 1  ? 9.502   -0.897  -12.230 1.00 22.27 ? 1   GLU A OE2 1 
ATOM   10  N  N   . ASP A 1 2  ? 9.335   -5.825  -10.005 1.00 12.23 ? 2   ASP A N   1 
ATOM   11  C  CA  . ASP A 1 2  ? 9.435   -6.493  -8.707  1.00 18.14 ? 2   ASP A CA  1 
ATOM   12  C  C   . ASP A 1 2  ? 8.952   -5.558  -7.597  1.00 15.38 ? 2   ASP A C   1 
ATOM   13  O  O   . ASP A 1 2  ? 9.471   -4.448  -7.462  1.00 16.61 ? 2   ASP A O   1 
ATOM   14  C  CB  . ASP A 1 2  ? 10.909  -6.864  -8.519  1.00 7.40  ? 2   ASP A CB  1 
ATOM   15  C  CG  . ASP A 1 2  ? 11.165  -7.694  -7.255  1.00 19.67 ? 2   ASP A CG  1 
ATOM   16  O  OD1 . ASP A 1 2  ? 12.122  -8.472  -7.272  1.00 35.89 ? 2   ASP A OD1 1 
ATOM   17  O  OD2 . ASP A 1 2  ? 10.521  -7.471  -6.226  1.00 21.70 ? 2   ASP A OD2 1 
ATOM   18  N  N   . PRO A 1 3  ? 7.953   -6.003  -6.846  1.00 18.86 ? 3   PRO A N   1 
ATOM   19  C  CA  . PRO A 1 3  ? 7.334   -5.218  -5.756  1.00 13.16 ? 3   PRO A CA  1 
ATOM   20  C  C   . PRO A 1 3  ? 8.325   -4.777  -4.680  1.00 11.78 ? 3   PRO A C   1 
ATOM   21  O  O   . PRO A 1 3  ? 8.227   -3.655  -4.172  1.00 8.86  ? 3   PRO A O   1 
ATOM   22  C  CB  . PRO A 1 3  ? 6.293   -6.144  -5.147  1.00 17.05 ? 3   PRO A CB  1 
ATOM   23  C  CG  . PRO A 1 3  ? 6.718   -7.540  -5.556  1.00 14.11 ? 3   PRO A CG  1 
ATOM   24  C  CD  . PRO A 1 3  ? 7.327   -7.344  -6.935  1.00 5.59  ? 3   PRO A CD  1 
ATOM   25  N  N   . GLU A 1 4  ? 9.271   -5.643  -4.371  1.00 6.83  ? 4   GLU A N   1 
ATOM   26  C  CA  . GLU A 1 4  ? 10.267  -5.266  -3.364  1.00 9.84  ? 4   GLU A CA  1 
ATOM   27  C  C   . GLU A 1 4  ? 11.192  -4.144  -3.827  1.00 7.44  ? 4   GLU A C   1 
ATOM   28  O  O   . GLU A 1 4  ? 11.598  -3.306  -3.019  1.00 10.96 ? 4   GLU A O   1 
ATOM   29  C  CB  . GLU A 1 4  ? 11.090  -6.480  -2.996  1.00 14.78 ? 4   GLU A CB  1 
ATOM   30  C  CG  . GLU A 1 4  ? 10.206  -7.625  -2.528  1.00 31.14 ? 4   GLU A CG  1 
ATOM   31  C  CD  . GLU A 1 4  ? 11.087  -8.854  -2.317  1.00 51.91 ? 4   GLU A CD  1 
ATOM   32  O  OE1 . GLU A 1 4  ? 12.048  -8.750  -1.548  1.00 58.01 ? 4   GLU A OE1 1 
ATOM   33  O  OE2 . GLU A 1 4  ? 10.932  -9.820  -3.071  1.00 66.39 ? 4   GLU A OE2 1 
ATOM   34  N  N   . VAL A 1 5  ? 11.484  -4.129  -5.122  1.00 8.93  ? 5   VAL A N   1 
ATOM   35  C  CA  . VAL A 1 5  ? 12.315  -3.039  -5.644  1.00 5.15  ? 5   VAL A CA  1 
ATOM   36  C  C   . VAL A 1 5  ? 11.500  -1.756  -5.761  1.00 4.25  ? 5   VAL A C   1 
ATOM   37  O  O   . VAL A 1 5  ? 11.988  -0.686  -5.400  1.00 10.57 ? 5   VAL A O   1 
ATOM   38  C  CB  . VAL A 1 5  ? 12.901  -3.420  -7.003  1.00 17.81 ? 5   VAL A CB  1 
ATOM   39  C  CG1 . VAL A 1 5  ? 13.512  -2.227  -7.731  1.00 17.11 ? 5   VAL A CG1 1 
ATOM   40  C  CG2 . VAL A 1 5  ? 13.910  -4.557  -6.890  1.00 11.50 ? 5   VAL A CG2 1 
ATOM   41  N  N   . LEU A 1 6  ? 10.246  -1.902  -6.148  1.00 9.29  ? 6   LEU A N   1 
ATOM   42  C  CA  . LEU A 1 6  ? 9.343   -0.744  -6.193  1.00 9.21  ? 6   LEU A CA  1 
ATOM   43  C  C   . LEU A 1 6  ? 9.179   -0.107  -4.818  1.00 4.55  ? 6   LEU A C   1 
ATOM   44  O  O   . LEU A 1 6  ? 9.137   1.117   -4.703  1.00 7.56  ? 6   LEU A O   1 
ATOM   45  C  CB  . LEU A 1 6  ? 7.962   -1.165  -6.691  1.00 5.38  ? 6   LEU A CB  1 
ATOM   46  C  CG  . LEU A 1 6  ? 7.941   -1.467  -8.185  1.00 9.33  ? 6   LEU A CG  1 
ATOM   47  C  CD1 . LEU A 1 6  ? 6.646   -2.151  -8.592  1.00 12.26 ? 6   LEU A CD1 1 
ATOM   48  C  CD2 . LEU A 1 6  ? 8.204   -0.209  -9.009  1.00 9.28  ? 6   LEU A CD2 1 
ATOM   49  N  N   . PHE A 1 7  ? 9.034   -0.949  -3.822  1.00 6.03  ? 7   PHE A N   1 
ATOM   50  C  CA  . PHE A 1 7  ? 8.813   -0.464  -2.446  1.00 2.63  ? 7   PHE A CA  1 
ATOM   51  C  C   . PHE A 1 7  ? 9.915   0.490   -1.993  1.00 8.64  ? 7   PHE A C   1 
ATOM   52  O  O   . PHE A 1 7  ? 9.643   1.545   -1.401  1.00 8.86  ? 7   PHE A O   1 
ATOM   53  C  CB  . PHE A 1 7  ? 8.774   -1.678  -1.532  1.00 5.84  ? 7   PHE A CB  1 
ATOM   54  C  CG  . PHE A 1 7  ? 8.853   -1.386  -0.045  1.00 11.57 ? 7   PHE A CG  1 
ATOM   55  C  CD1 . PHE A 1 7  ? 9.964   -1.788  0.672   1.00 10.48 ? 7   PHE A CD1 1 
ATOM   56  C  CD2 . PHE A 1 7  ? 7.805   -0.766  0.598   1.00 10.28 ? 7   PHE A CD2 1 
ATOM   57  C  CE1 . PHE A 1 7  ? 10.036  -1.574  2.052   1.00 13.70 ? 7   PHE A CE1 1 
ATOM   58  C  CE2 . PHE A 1 7  ? 7.865   -0.534  1.979   1.00 11.69 ? 7   PHE A CE2 1 
ATOM   59  C  CZ  . PHE A 1 7  ? 8.980   -0.946  2.708   1.00 9.81  ? 7   PHE A CZ  1 
ATOM   60  N  N   . LYS A 1 8  ? 11.124  0.171   -2.416  1.00 6.27  ? 8   LYS A N   1 
ATOM   61  C  CA  . LYS A 1 8  ? 12.245  1.072   -2.129  1.00 5.35  ? 8   LYS A CA  1 
ATOM   62  C  C   . LYS A 1 8  ? 12.240  2.286   -3.058  1.00 21.62 ? 8   LYS A C   1 
ATOM   63  O  O   . LYS A 1 8  ? 12.341  3.429   -2.592  1.00 19.14 ? 8   LYS A O   1 
ATOM   64  C  CB  . LYS A 1 8  ? 13.561  0.332   -2.337  1.00 12.69 ? 8   LYS A CB  1 
ATOM   65  C  CG  . LYS A 1 8  ? 14.203  -0.143  -1.045  1.00 51.51 ? 8   LYS A CG  1 
ATOM   66  C  CD  . LYS A 1 8  ? 13.396  -1.210  -0.325  1.00 25.80 ? 8   LYS A CD  1 
ATOM   67  C  CE  . LYS A 1 8  ? 14.067  -1.608  0.980   1.00 75.37 ? 8   LYS A CE  1 
ATOM   68  N  NZ  . LYS A 1 8  ? 15.404  -2.136  0.683   1.00 54.64 ? 8   LYS A NZ  1 
ATOM   69  N  N   . ASN A 1 9  ? 12.264  1.991   -4.355  1.00 7.50  ? 9   ASN A N   1 
ATOM   70  C  CA  . ASN A 1 9  ? 12.411  3.035   -5.377  1.00 7.68  ? 9   ASN A CA  1 
ATOM   71  C  C   . ASN A 1 9  ? 11.331  4.113   -5.340  1.00 5.99  ? 9   ASN A C   1 
ATOM   72  O  O   . ASN A 1 9  ? 11.614  5.284   -5.619  1.00 12.14 ? 9   ASN A O   1 
ATOM   73  C  CB  . ASN A 1 9  ? 12.461  2.429   -6.779  1.00 14.71 ? 9   ASN A CB  1 
ATOM   74  C  CG  . ASN A 1 9  ? 13.851  1.829   -6.984  1.00 40.08 ? 9   ASN A CG  1 
ATOM   75  O  OD1 . ASN A 1 9  ? 14.080  1.049   -7.911  1.00 37.32 ? 9   ASN A OD1 1 
ATOM   76  N  ND2 . ASN A 1 9  ? 14.788  2.333   -6.205  1.00 16.73 ? 9   ASN A ND2 1 
ATOM   77  N  N   . LYS A 1 10 ? 10.104  3.703   -5.123  1.00 3.92  ? 10  LYS A N   1 
ATOM   78  C  CA  . LYS A 1 10 ? 9.016   4.692   -5.204  1.00 5.55  ? 10  LYS A CA  1 
ATOM   79  C  C   . LYS A 1 10 ? 8.807   5.435   -3.883  1.00 21.03 ? 10  LYS A C   1 
ATOM   80  O  O   . LYS A 1 10 ? 7.890   6.254   -3.761  1.00 7.41  ? 10  LYS A O   1 
ATOM   81  C  CB  . LYS A 1 10 ? 7.723   3.999   -5.587  1.00 9.28  ? 10  LYS A CB  1 
ATOM   82  C  CG  . LYS A 1 10 ? 7.832   3.343   -6.947  1.00 6.14  ? 10  LYS A CG  1 
ATOM   83  C  CD  . LYS A 1 10 ? 7.884   4.388   -8.056  1.00 9.45  ? 10  LYS A CD  1 
ATOM   84  C  CE  . LYS A 1 10 ? 7.999   3.721   -9.424  1.00 22.21 ? 10  LYS A CE  1 
ATOM   85  N  NZ  . LYS A 1 10 ? 7.796   4.715   -10.486 1.00 27.98 ? 10  LYS A NZ  1 
ATOM   86  N  N   . GLY A 1 11 ? 9.734   5.236   -2.961  1.00 14.69 ? 11  GLY A N   1 
ATOM   87  C  CA  . GLY A 1 11 ? 9.701   6.024   -1.713  1.00 10.81 ? 11  GLY A CA  1 
ATOM   88  C  C   . GLY A 1 11 ? 8.763   5.505   -0.613  1.00 9.84  ? 11  GLY A C   1 
ATOM   89  O  O   . GLY A 1 11 ? 8.600   6.170   0.418   1.00 10.71 ? 11  GLY A O   1 
ATOM   90  N  N   . CYS A 1 12 ? 8.078   4.410   -0.894  1.00 6.97  ? 12  CYS A N   1 
ATOM   91  C  CA  . CYS A 1 12 ? 7.139   3.791   0.072   1.00 2.79  ? 12  CYS A CA  1 
ATOM   92  C  C   . CYS A 1 12 ? 7.800   3.559   1.428   1.00 10.02 ? 12  CYS A C   1 
ATOM   93  O  O   . CYS A 1 12 ? 7.184   3.734   2.487   1.00 8.37  ? 12  CYS A O   1 
ATOM   94  C  CB  . CYS A 1 12 ? 6.778   2.419   -0.458  1.00 5.39  ? 12  CYS A CB  1 
ATOM   95  S  SG  . CYS A 1 12 ? 6.123   2.454   -2.131  1.00 7.27  ? 12  CYS A SG  1 
ATOM   96  N  N   . VAL A 1 13 ? 9.058   3.157   1.322   1.00 8.24  ? 13  VAL A N   1 
ATOM   97  C  CA  . VAL A 1 13 ? 9.904   2.811   2.480   1.00 9.12  ? 13  VAL A CA  1 
ATOM   98  C  C   . VAL A 1 13 ? 10.082  3.958   3.478   1.00 8.99  ? 13  VAL A C   1 
ATOM   99  O  O   . VAL A 1 13 ? 10.367  3.729   4.661   1.00 11.54 ? 13  VAL A O   1 
ATOM   100 C  CB  . VAL A 1 13 ? 11.252  2.287   1.977   1.00 10.56 ? 13  VAL A CB  1 
ATOM   101 C  CG1 . VAL A 1 13 ? 12.092  3.351   1.285   1.00 7.95  ? 13  VAL A CG1 1 
ATOM   102 C  CG2 . VAL A 1 13 ? 12.048  1.520   3.026   1.00 18.16 ? 13  VAL A CG2 1 
ATOM   103 N  N   . ALA A 1 14 ? 9.833   5.170   3.005   1.00 8.34  ? 14  ALA A N   1 
ATOM   104 C  CA  . ALA A 1 14 ? 9.971   6.337   3.883   1.00 6.95  ? 14  ALA A CA  1 
ATOM   105 C  C   . ALA A 1 14 ? 8.816   6.466   4.871   1.00 12.00 ? 14  ALA A C   1 
ATOM   106 O  O   . ALA A 1 14 ? 8.956   7.146   5.886   1.00 11.21 ? 14  ALA A O   1 
ATOM   107 C  CB  . ALA A 1 14 ? 10.046  7.617   3.052   1.00 8.23  ? 14  ALA A CB  1 
ATOM   108 N  N   . CYS A 1 15 ? 7.680   5.885   4.537   1.00 7.37  ? 15  CYS A N   1 
ATOM   109 C  CA  . CYS A 1 15 ? 6.491   6.041   5.393   1.00 0.92  ? 15  CYS A CA  1 
ATOM   110 C  C   . CYS A 1 15 ? 5.932   4.710   5.916   1.00 11.42 ? 15  CYS A C   1 
ATOM   111 O  O   . CYS A 1 15 ? 4.962   4.687   6.684   1.00 7.62  ? 15  CYS A O   1 
ATOM   112 C  CB  . CYS A 1 15 ? 5.379   6.713   4.596   1.00 -0.68 ? 15  CYS A CB  1 
ATOM   113 S  SG  . CYS A 1 15 ? 5.720   8.443   4.195   1.00 7.53  ? 15  CYS A SG  1 
ATOM   114 N  N   . HIS A 1 16 ? 6.429   3.618   5.356   1.00 6.83  ? 16  HIS A N   1 
ATOM   115 C  CA  . HIS A 1 16 ? 5.864   2.316   5.715   1.00 13.83 ? 16  HIS A CA  1 
ATOM   116 C  C   . HIS A 1 16 ? 6.935   1.281   6.055   1.00 20.20 ? 16  HIS A C   1 
ATOM   117 O  O   . HIS A 1 16 ? 7.941   1.184   5.342   1.00 9.79  ? 16  HIS A O   1 
ATOM   118 C  CB  . HIS A 1 16 ? 5.047   1.784   4.545   1.00 5.17  ? 16  HIS A CB  1 
ATOM   119 C  CG  . HIS A 1 16 ? 3.740   2.497   4.243   1.00 3.59  ? 16  HIS A CG  1 
ATOM   120 N  ND1 . HIS A 1 16 ? 2.600   2.266   4.938   1.00 3.54  ? 16  HIS A ND1 1 
ATOM   121 C  CD2 . HIS A 1 16 ? 3.442   3.350   3.195   1.00 5.05  ? 16  HIS A CD2 1 
ATOM   122 C  CE1 . HIS A 1 16 ? 1.598   2.962   4.339   1.00 1.21  ? 16  HIS A CE1 1 
ATOM   123 N  NE2 . HIS A 1 16 ? 2.112   3.637   3.269   1.00 3.49  ? 16  HIS A NE2 1 
ATOM   124 N  N   . ALA A 1 17 ? 6.570   0.391   6.974   1.00 6.84  ? 17  ALA A N   1 
ATOM   125 C  CA  . ALA A 1 17 ? 7.308   -0.869  7.184   1.00 9.48  ? 17  ALA A CA  1 
ATOM   126 C  C   . ALA A 1 17 ? 6.316   -2.027  7.154   1.00 8.26  ? 17  ALA A C   1 
ATOM   127 O  O   . ALA A 1 17 ? 5.098   -1.812  7.163   1.00 5.71  ? 17  ALA A O   1 
ATOM   128 C  CB  . ALA A 1 17 ? 8.001   -0.870  8.541   1.00 5.85  ? 17  ALA A CB  1 
ATOM   129 N  N   . ILE A 1 18 ? 6.814   -3.232  7.124   1.00 12.12 ? 18  ILE A N   1 
ATOM   130 C  CA  . ILE A 1 18 ? 5.834   -4.319  7.093   1.00 21.05 ? 18  ILE A CA  1 
ATOM   131 C  C   . ILE A 1 18 ? 5.247   -4.663  8.464   1.00 22.08 ? 18  ILE A C   1 
ATOM   132 O  O   . ILE A 1 18 ? 4.050   -4.926  8.593   1.00 19.22 ? 18  ILE A O   1 
ATOM   133 C  CB  . ILE A 1 18 ? 6.474   -5.433  6.281   1.00 17.28 ? 18  ILE A CB  1 
ATOM   134 C  CG1 . ILE A 1 18 ? 6.598   -6.872  6.744   1.00 21.66 ? 18  ILE A CG1 1 
ATOM   135 C  CG2 . ILE A 1 18 ? 6.835   -5.055  4.862   1.00 25.25 ? 18  ILE A CG2 1 
ATOM   136 C  CD1 . ILE A 1 18 ? 5.376   -7.581  7.257   1.00 23.77 ? 18  ILE A CD1 1 
ATOM   137 N  N   . ASP A 1 19 ? 6.088   -4.639  9.468   1.00 8.10  ? 19  ASP A N   1 
ATOM   138 C  CA  . ASP A 1 19 ? 5.669   -5.052  10.808  1.00 6.81  ? 19  ASP A CA  1 
ATOM   139 C  C   . ASP A 1 19 ? 5.321   -3.916  11.759  1.00 24.61 ? 19  ASP A C   1 
ATOM   140 O  O   . ASP A 1 19 ? 4.638   -4.139  12.763  1.00 30.15 ? 19  ASP A O   1 
ATOM   141 C  CB  . ASP A 1 19 ? 6.781   -5.868  11.441  1.00 15.53 ? 19  ASP A CB  1 
ATOM   142 C  CG  . ASP A 1 19 ? 6.517   -7.347  11.156  1.00 78.45 ? 19  ASP A CG  1 
ATOM   143 O  OD1 . ASP A 1 19 ? 7.071   -7.873  10.187  1.00 63.41 ? 19  ASP A OD1 1 
ATOM   144 O  OD2 . ASP A 1 19 ? 5.614   -7.902  11.790  1.00 75.82 ? 19  ASP A OD2 1 
ATOM   145 N  N   . THR A 1 20 ? 5.880   -2.750  11.518  1.00 14.99 ? 20  THR A N   1 
ATOM   146 C  CA  . THR A 1 20 ? 5.583   -1.648  12.434  1.00 14.92 ? 20  THR A CA  1 
ATOM   147 C  C   . THR A 1 20 ? 4.937   -0.471  11.713  1.00 20.86 ? 20  THR A C   1 
ATOM   148 O  O   . THR A 1 20 ? 5.179   -0.235  10.527  1.00 12.89 ? 20  THR A O   1 
ATOM   149 C  CB  . THR A 1 20 ? 6.835   -1.181  13.160  1.00 15.65 ? 20  THR A CB  1 
ATOM   150 O  OG1 . THR A 1 20 ? 7.653   -0.465  12.247  1.00 37.46 ? 20  THR A OG1 1 
ATOM   151 C  CG2 . THR A 1 20 ? 7.647   -2.343  13.715  1.00 46.38 ? 20  THR A CG2 1 
ATOM   152 N  N   . LYS A 1 21 ? 4.206   0.308   12.460  1.00 14.72 ? 21  LYS A N   1 
ATOM   153 C  CA  . LYS A 1 21 ? 3.674   1.537   11.885  1.00 9.67  ? 21  LYS A CA  1 
ATOM   154 C  C   . LYS A 1 21 ? 4.706   2.655   11.946  1.00 13.69 ? 21  LYS A C   1 
ATOM   155 O  O   . LYS A 1 21 ? 5.409   2.796   12.951  1.00 15.03 ? 21  LYS A O   1 
ATOM   156 C  CB  . LYS A 1 21 ? 2.394   1.934   12.607  1.00 11.53 ? 21  LYS A CB  1 
ATOM   157 C  CG  . LYS A 1 21 ? 1.843   3.264   12.116  1.00 10.15 ? 21  LYS A CG  1 
ATOM   158 C  CD  . LYS A 1 21 ? 0.407   3.469   12.538  1.00 22.27 ? 21  LYS A CD  1 
ATOM   159 C  CE  . LYS A 1 21 ? 0.251   4.743   13.344  1.00 35.73 ? 21  LYS A CE  1 
ATOM   160 N  NZ  . LYS A 1 21 ? 0.820   5.870   12.588  1.00 44.86 ? 21  LYS A NZ  1 
ATOM   161 N  N   . MET A 1 22 ? 4.860   3.349   10.833  1.00 2.96  ? 22  MET A N   1 
ATOM   162 C  CA  . MET A 1 22 ? 5.731   4.521   10.816  1.00 7.77  ? 22  MET A CA  1 
ATOM   163 C  C   . MET A 1 22 ? 4.912   5.802   10.629  1.00 18.83 ? 22  MET A C   1 
ATOM   164 O  O   . MET A 1 22 ? 4.161   6.193   11.527  1.00 20.79 ? 22  MET A O   1 
ATOM   165 C  CB  . MET A 1 22 ? 6.785   4.399   9.720   1.00 13.78 ? 22  MET A CB  1 
ATOM   166 C  CG  . MET A 1 22 ? 7.765   3.256   9.941   1.00 24.49 ? 22  MET A CG  1 
ATOM   167 S  SD  . MET A 1 22 ? 9.048   3.286   8.674   1.00 41.65 ? 22  MET A SD  1 
ATOM   168 C  CE  . MET A 1 22 ? 10.090  1.847   8.984   1.00 79.72 ? 22  MET A CE  1 
ATOM   169 N  N   . VAL A 1 23 ? 4.850   6.282   9.399   1.00 9.46  ? 23  VAL A N   1 
ATOM   170 C  CA  . VAL A 1 23 ? 3.904   7.369   9.094   1.00 8.21  ? 23  VAL A CA  1 
ATOM   171 C  C   . VAL A 1 23 ? 2.544   6.848   8.633   1.00 22.49 ? 23  VAL A C   1 
ATOM   172 O  O   . VAL A 1 23 ? 1.505   7.239   9.178   1.00 15.96 ? 23  VAL A O   1 
ATOM   173 C  CB  . VAL A 1 23 ? 4.468   8.271   8.006   1.00 11.46 ? 23  VAL A CB  1 
ATOM   174 C  CG1 . VAL A 1 23 ? 3.512   9.412   7.689   1.00 5.09  ? 23  VAL A CG1 1 
ATOM   175 C  CG2 . VAL A 1 23 ? 5.869   8.757   8.343   1.00 13.80 ? 23  VAL A CG2 1 
ATOM   176 N  N   . GLY A 1 24 ? 2.578   5.852   7.758   1.00 2.70  ? 24  GLY A N   1 
ATOM   177 C  CA  . GLY A 1 24 ? 1.344   5.133   7.439   1.00 2.08  ? 24  GLY A CA  1 
ATOM   178 C  C   . GLY A 1 24 ? 1.325   3.779   8.159   1.00 11.71 ? 24  GLY A C   1 
ATOM   179 O  O   . GLY A 1 24 ? 2.280   3.418   8.856   1.00 10.02 ? 24  GLY A O   1 
ATOM   180 N  N   . PRO A 1 25 ? 0.252   3.039   7.993   1.00 8.19  ? 25  PRO A N   1 
ATOM   181 C  CA  . PRO A 1 25 ? 0.072   1.710   8.625   1.00 7.92  ? 25  PRO A CA  1 
ATOM   182 C  C   . PRO A 1 25 ? 1.148   0.688   8.240   1.00 14.71 ? 25  PRO A C   1 
ATOM   183 O  O   . PRO A 1 25 ? 1.697   0.719   7.134   1.00 16.21 ? 25  PRO A O   1 
ATOM   184 C  CB  . PRO A 1 25 ? -1.288  1.238   8.138   1.00 4.67  ? 25  PRO A CB  1 
ATOM   185 C  CG  . PRO A 1 25 ? -1.556  2.048   6.881   1.00 7.49  ? 25  PRO A CG  1 
ATOM   186 C  CD  . PRO A 1 25 ? -0.891  3.387   7.133   1.00 1.50  ? 25  PRO A CD  1 
ATOM   187 N  N   . ALA A 1 26 ? 1.338   -0.273  9.117   1.00 4.48  ? 26  ALA A N   1 
ATOM   188 C  CA  . ALA A 1 26 ? 2.141   -1.458  8.782   1.00 5.61  ? 26  ALA A CA  1 
ATOM   189 C  C   . ALA A 1 26 ? 1.450   -2.289  7.701   1.00 11.39 ? 26  ALA A C   1 
ATOM   190 O  O   . ALA A 1 26 ? 0.222   -2.422  7.719   1.00 7.45  ? 26  ALA A O   1 
ATOM   191 C  CB  . ALA A 1 26 ? 2.237   -2.336  10.031  1.00 8.47  ? 26  ALA A CB  1 
ATOM   192 N  N   . TYR A 1 27 ? 2.227   -2.839  6.788   1.00 7.58  ? 27  TYR A N   1 
ATOM   193 C  CA  . TYR A 1 27 ? 1.598   -3.679  5.751   1.00 8.21  ? 27  TYR A CA  1 
ATOM   194 C  C   . TYR A 1 27 ? 0.937   -4.959  6.263   1.00 4.04  ? 27  TYR A C   1 
ATOM   195 O  O   . TYR A 1 27 ? -0.132  -5.310  5.755   1.00 8.67  ? 27  TYR A O   1 
ATOM   196 C  CB  . TYR A 1 27 ? 2.504   -3.979  4.557   1.00 4.98  ? 27  TYR A CB  1 
ATOM   197 C  CG  . TYR A 1 27 ? 2.918   -2.785  3.718   1.00 5.85  ? 27  TYR A CG  1 
ATOM   198 C  CD1 . TYR A 1 27 ? 4.160   -2.757  3.118   1.00 17.73 ? 27  TYR A CD1 1 
ATOM   199 C  CD2 . TYR A 1 27 ? 2.060   -1.716  3.578   1.00 7.22  ? 27  TYR A CD2 1 
ATOM   200 C  CE1 . TYR A 1 27 ? 4.559   -1.633  2.387   1.00 10.33 ? 27  TYR A CE1 1 
ATOM   201 C  CE2 . TYR A 1 27 ? 2.437   -0.582  2.860   1.00 6.82  ? 27  TYR A CE2 1 
ATOM   202 C  CZ  . TYR A 1 27 ? 3.699   -0.539  2.271   1.00 12.35 ? 27  TYR A CZ  1 
ATOM   203 O  OH  . TYR A 1 27 ? 4.074   0.534   1.607   1.00 10.28 ? 27  TYR A OH  1 
ATOM   204 N  N   . LYS A 1 28 ? 1.492   -5.547  7.321   1.00 5.12  ? 28  LYS A N   1 
ATOM   205 C  CA  . LYS A 1 28 ? 0.808   -6.704  7.939   1.00 18.17 ? 28  LYS A CA  1 
ATOM   206 C  C   . LYS A 1 28 ? -0.605  -6.384  8.434   1.00 8.95  ? 28  LYS A C   1 
ATOM   207 O  O   . LYS A 1 28 ? -1.519  -7.195  8.254   1.00 11.45 ? 28  LYS A O   1 
ATOM   208 C  CB  . LYS A 1 28 ? 1.606   -7.376  9.064   1.00 23.01 ? 28  LYS A CB  1 
ATOM   209 C  CG  . LYS A 1 28 ? 1.748   -6.535  10.333  1.00 66.29 ? 28  LYS A CG  1 
ATOM   210 C  CD  . LYS A 1 28 ? 1.993   -7.387  11.577  1.00 56.65 ? 28  LYS A CD  1 
ATOM   211 C  CE  . LYS A 1 28 ? 2.259   -6.558  12.834  1.00 57.50 ? 28  LYS A CE  1 
ATOM   212 N  NZ  . LYS A 1 28 ? 1.166   -5.599  13.087  1.00 55.05 ? 28  LYS A NZ  1 
ATOM   213 N  N   . ASP A 1 29 ? -0.778  -5.155  8.915   1.00 4.89  ? 29  ASP A N   1 
ATOM   214 C  CA  . ASP A 1 29 ? -2.090  -4.700  9.393   1.00 4.81  ? 29  ASP A CA  1 
ATOM   215 C  C   . ASP A 1 29 ? -3.043  -4.437  8.239   1.00 4.55  ? 29  ASP A C   1 
ATOM   216 O  O   . ASP A 1 29 ? -4.244  -4.686  8.362   1.00 6.34  ? 29  ASP A O   1 
ATOM   217 C  CB  . ASP A 1 29 ? -1.971  -3.424  10.229  1.00 10.78 ? 29  ASP A CB  1 
ATOM   218 C  CG  . ASP A 1 29 ? -1.276  -3.740  11.559  1.00 34.76 ? 29  ASP A CG  1 
ATOM   219 O  OD1 . ASP A 1 29 ? -0.956  -2.795  12.286  1.00 13.34 ? 29  ASP A OD1 1 
ATOM   220 O  OD2 . ASP A 1 29 ? -1.231  -4.917  11.935  1.00 23.56 ? 29  ASP A OD2 1 
ATOM   221 N  N   . VAL A 1 30 ? -2.483  -3.941  7.151   1.00 12.67 ? 30  VAL A N   1 
ATOM   222 C  CA  . VAL A 1 30 ? -3.335  -3.687  5.977   1.00 11.78 ? 30  VAL A CA  1 
ATOM   223 C  C   . VAL A 1 30 ? -3.815  -5.004  5.380   1.00 10.46 ? 30  VAL A C   1 
ATOM   224 O  O   . VAL A 1 30 ? -5.004  -5.172  5.086   1.00 9.88  ? 30  VAL A O   1 
ATOM   225 C  CB  . VAL A 1 30 ? -2.571  -2.895  4.914   1.00 3.11  ? 30  VAL A CB  1 
ATOM   226 C  CG1 . VAL A 1 30 ? -3.409  -2.703  3.664   1.00 4.40  ? 30  VAL A CG1 1 
ATOM   227 C  CG2 . VAL A 1 30 ? -2.115  -1.546  5.459   1.00 8.11  ? 30  VAL A CG2 1 
ATOM   228 N  N   . ALA A 1 31 ? -2.873  -5.916  5.299   1.00 8.49  ? 31  ALA A N   1 
ATOM   229 C  CA  . ALA A 1 31 ? -3.175  -7.243  4.764   1.00 5.97  ? 31  ALA A CA  1 
ATOM   230 C  C   . ALA A 1 31 ? -4.184  -7.969  5.646   1.00 11.04 ? 31  ALA A C   1 
ATOM   231 O  O   . ALA A 1 31 ? -5.080  -8.658  5.149   1.00 14.14 ? 31  ALA A O   1 
ATOM   232 C  CB  . ALA A 1 31 ? -1.886  -8.037  4.735   1.00 4.68  ? 31  ALA A CB  1 
ATOM   233 N  N   . ALA A 1 32 ? -4.061  -7.731  6.933   1.00 16.87 ? 32  ALA A N   1 
ATOM   234 C  CA  . ALA A 1 32 ? -5.007  -8.377  7.843   1.00 7.42  ? 32  ALA A CA  1 
ATOM   235 C  C   . ALA A 1 32 ? -6.420  -7.826  7.690   1.00 5.91  ? 32  ALA A C   1 
ATOM   236 O  O   . ALA A 1 32 ? -7.359  -8.618  7.635   1.00 16.77 ? 32  ALA A O   1 
ATOM   237 C  CB  . ALA A 1 32 ? -4.549  -8.232  9.287   1.00 16.44 ? 32  ALA A CB  1 
ATOM   238 N  N   . LYS A 1 33 ? -6.530  -6.509  7.560   1.00 6.93  ? 33  LYS A N   1 
ATOM   239 C  CA  . LYS A 1 33 ? -7.862  -5.898  7.384   1.00 10.71 ? 33  LYS A CA  1 
ATOM   240 C  C   . LYS A 1 33 ? -8.492  -6.323  6.062   1.00 25.93 ? 33  LYS A C   1 
ATOM   241 O  O   . LYS A 1 33 ? -9.683  -6.637  5.996   1.00 17.21 ? 33  LYS A O   1 
ATOM   242 C  CB  . LYS A 1 33 ? -7.841  -4.361  7.481   1.00 11.23 ? 33  LYS A CB  1 
ATOM   243 C  CG  . LYS A 1 33 ? -9.213  -3.752  7.163   1.00 18.37 ? 33  LYS A CG  1 
ATOM   244 C  CD  . LYS A 1 33 ? -9.595  -2.535  8.007   1.00 25.47 ? 33  LYS A CD  1 
ATOM   245 C  CE  . LYS A 1 33 ? -8.764  -1.307  7.694   1.00 75.01 ? 33  LYS A CE  1 
ATOM   246 N  NZ  . LYS A 1 33 ? -8.791  -0.378  8.842   1.00 59.19 ? 33  LYS A NZ  1 
ATOM   247 N  N   . PHE A 1 34 ? -7.700  -6.313  5.018   1.00 14.45 ? 34  PHE A N   1 
ATOM   248 C  CA  . PHE A 1 34 ? -8.351  -6.546  3.728   1.00 9.02  ? 34  PHE A CA  1 
ATOM   249 C  C   . PHE A 1 34 ? -8.270  -8.004  3.328   1.00 26.74 ? 34  PHE A C   1 
ATOM   250 O  O   . PHE A 1 34 ? -8.869  -8.369  2.314   1.00 25.67 ? 34  PHE A O   1 
ATOM   251 C  CB  . PHE A 1 34 ? -7.784  -5.620  2.667   1.00 19.12 ? 34  PHE A CB  1 
ATOM   252 C  CG  . PHE A 1 34 ? -8.139  -4.189  2.990   1.00 17.14 ? 34  PHE A CG  1 
ATOM   253 C  CD1 . PHE A 1 34 ? -7.168  -3.311  3.418   1.00 17.88 ? 34  PHE A CD1 1 
ATOM   254 C  CD2 . PHE A 1 34 ? -9.459  -3.788  2.919   1.00 17.10 ? 34  PHE A CD2 1 
ATOM   255 C  CE1 . PHE A 1 34 ? -7.508  -2.001  3.774   1.00 18.77 ? 34  PHE A CE1 1 
ATOM   256 C  CE2 . PHE A 1 34 ? -9.818  -2.483  3.266   1.00 60.77 ? 34  PHE A CE2 1 
ATOM   257 C  CZ  . PHE A 1 34 ? -8.838  -1.584  3.697   1.00 48.87 ? 34  PHE A CZ  1 
ATOM   258 N  N   . ALA A 1 35 ? -7.845  -8.740  4.360   1.00 43.18 ? 35  ALA A N   1 
ATOM   259 C  CA  . ALA A 1 35 ? -7.892  -10.207 4.506   1.00 51.37 ? 35  ALA A CA  1 
ATOM   260 C  C   . ALA A 1 35 ? -7.953  -10.969 3.190   1.00 48.15 ? 35  ALA A C   1 
ATOM   261 O  O   . ALA A 1 35 ? -7.025  -10.920 2.377   1.00 65.33 ? 35  ALA A O   1 
ATOM   262 C  CB  . ALA A 1 35 ? -9.118  -10.564 5.333   1.00 57.11 ? 35  ALA A CB  1 
ATOM   263 N  N   . GLY A 1 36 ? -9.151  -11.415 2.924   1.00 34.85 ? 36  GLY A N   1 
ATOM   264 C  CA  . GLY A 1 36 ? -9.535  -11.978 1.630   1.00 31.22 ? 36  GLY A CA  1 
ATOM   265 C  C   . GLY A 1 36 ? -10.852 -11.362 1.158   1.00 51.62 ? 36  GLY A C   1 
ATOM   266 O  O   . GLY A 1 36 ? -11.793 -12.077 0.800   1.00 43.56 ? 36  GLY A O   1 
ATOM   267 N  N   . GLN A 1 37 ? -10.899 -10.038 1.179   1.00 36.14 ? 37  GLN A N   1 
ATOM   268 C  CA  . GLN A 1 37 ? -12.081 -9.352  0.656   1.00 15.05 ? 37  GLN A CA  1 
ATOM   269 C  C   . GLN A 1 37 ? -12.016 -9.265  -0.864  1.00 28.73 ? 37  GLN A C   1 
ATOM   270 O  O   . GLN A 1 37 ? -10.990 -8.876  -1.436  1.00 21.69 ? 37  GLN A O   1 
ATOM   271 C  CB  . GLN A 1 37 ? -12.202 -7.942  1.216   1.00 13.79 ? 37  GLN A CB  1 
ATOM   272 C  CG  . GLN A 1 37 ? -12.371 -7.936  2.726   1.00 43.36 ? 37  GLN A CG  1 
ATOM   273 C  CD  . GLN A 1 37 ? -12.650 -6.505  3.185   1.00 74.08 ? 37  GLN A CD  1 
ATOM   274 O  OE1 . GLN A 1 37 ? -12.789 -5.606  2.350   1.00 49.62 ? 37  GLN A OE1 1 
ATOM   275 N  NE2 . GLN A 1 37 ? -13.003 -6.379  4.454   1.00 64.02 ? 37  GLN A NE2 1 
ATOM   276 N  N   . ALA A 1 38 ? -13.119 -9.639  -1.463  1.00 23.17 ? 38  ALA A N   1 
ATOM   277 C  CA  . ALA A 1 38 ? -13.275 -9.519  -2.913  1.00 15.16 ? 38  ALA A CA  1 
ATOM   278 C  C   . ALA A 1 38 ? -13.002 -8.093  -3.400  1.00 18.97 ? 38  ALA A C   1 
ATOM   279 O  O   . ALA A 1 38 ? -13.599 -7.136  -2.894  1.00 20.94 ? 38  ALA A O   1 
ATOM   280 C  CB  . ALA A 1 38 ? -14.717 -9.877  -3.258  1.00 14.44 ? 38  ALA A CB  1 
ATOM   281 N  N   . GLY A 1 39 ? -12.122 -7.974  -4.376  1.00 22.25 ? 39  GLY A N   1 
ATOM   282 C  CA  . GLY A 1 39 ? -11.901 -6.670  -5.029  1.00 18.07 ? 39  GLY A CA  1 
ATOM   283 C  C   . GLY A 1 39 ? -10.928 -5.742  -4.295  1.00 19.67 ? 39  GLY A C   1 
ATOM   284 O  O   . GLY A 1 39 ? -10.772 -4.578  -4.674  1.00 11.39 ? 39  GLY A O   1 
ATOM   285 N  N   . ALA A 1 40 ? -10.365 -6.236  -3.204  1.00 16.06 ? 40  ALA A N   1 
ATOM   286 C  CA  . ALA A 1 40 ? -9.446  -5.391  -2.412  1.00 10.70 ? 40  ALA A CA  1 
ATOM   287 C  C   . ALA A 1 40 ? -8.201  -4.947  -3.182  1.00 17.04 ? 40  ALA A C   1 
ATOM   288 O  O   . ALA A 1 40 ? -7.663  -3.871  -2.924  1.00 16.38 ? 40  ALA A O   1 
ATOM   289 C  CB  . ALA A 1 40 ? -8.999  -6.130  -1.153  1.00 14.25 ? 40  ALA A CB  1 
ATOM   290 N  N   . GLU A 1 41 ? -7.697  -5.817  -4.037  1.00 12.95 ? 41  GLU A N   1 
ATOM   291 C  CA  . GLU A 1 41 ? -6.469  -5.473  -4.758  1.00 11.12 ? 41  GLU A CA  1 
ATOM   292 C  C   . GLU A 1 41 ? -6.640  -4.251  -5.661  1.00 7.81  ? 41  GLU A C   1 
ATOM   293 O  O   . GLU A 1 41 ? -5.839  -3.316  -5.606  1.00 10.86 ? 41  GLU A O   1 
ATOM   294 C  CB  . GLU A 1 41 ? -5.999  -6.666  -5.576  1.00 14.52 ? 41  GLU A CB  1 
ATOM   295 C  CG  . GLU A 1 41 ? -4.614  -6.428  -6.166  1.00 24.91 ? 41  GLU A CG  1 
ATOM   296 C  CD  . GLU A 1 41 ? -4.221  -7.632  -7.019  1.00 54.41 ? 41  GLU A CD  1 
ATOM   297 O  OE1 . GLU A 1 41 ? -4.021  -8.709  -6.444  1.00 47.02 ? 41  GLU A OE1 1 
ATOM   298 O  OE2 . GLU A 1 41 ? -4.299  -7.527  -8.249  1.00 43.72 ? 41  GLU A OE2 1 
ATOM   299 N  N   . ALA A 1 42 ? -7.739  -4.228  -6.390  1.00 7.23  ? 42  ALA A N   1 
ATOM   300 C  CA  . ALA A 1 42 ? -8.025  -3.073  -7.245  1.00 7.83  ? 42  ALA A CA  1 
ATOM   301 C  C   . ALA A 1 42 ? -8.283  -1.816  -6.422  1.00 13.51 ? 42  ALA A C   1 
ATOM   302 O  O   . ALA A 1 42 ? -7.972  -0.691  -6.840  1.00 9.60  ? 42  ALA A O   1 
ATOM   303 C  CB  . ALA A 1 42 ? -9.269  -3.384  -8.073  1.00 11.28 ? 42  ALA A CB  1 
ATOM   304 N  N   . GLU A 1 43 ? -8.877  -2.039  -5.264  1.00 13.18 ? 43  GLU A N   1 
ATOM   305 C  CA  . GLU A 1 43 ? -9.192  -0.873  -4.435  1.00 10.28 ? 43  GLU A CA  1 
ATOM   306 C  C   . GLU A 1 43 ? -7.978  -0.280  -3.730  1.00 4.93  ? 43  GLU A C   1 
ATOM   307 O  O   . GLU A 1 43 ? -7.734  0.929   -3.829  1.00 7.64  ? 43  GLU A O   1 
ATOM   308 C  CB  . GLU A 1 43 ? -10.410 -1.141  -3.552  1.00 8.24  ? 43  GLU A CB  1 
ATOM   309 C  CG  . GLU A 1 43 ? -11.567 -1.455  -4.505  1.00 73.89 ? 43  GLU A CG  1 
ATOM   310 C  CD  . GLU A 1 43 ? -12.938 -1.478  -3.827  1.00 78.95 ? 43  GLU A CD  1 
ATOM   311 O  OE1 . GLU A 1 43 ? -13.617 -2.505  -3.954  1.00 52.96 ? 43  GLU A OE1 1 
ATOM   312 O  OE2 . GLU A 1 43 ? -13.443 -0.391  -3.529  1.00 44.16 ? 43  GLU A OE2 1 
ATOM   313 N  N   . LEU A 1 44 ? -7.107  -1.161  -3.293  1.00 5.32  ? 44  LEU A N   1 
ATOM   314 C  CA  . LEU A 1 44 ? -5.835  -0.665  -2.763  1.00 10.19 ? 44  LEU A CA  1 
ATOM   315 C  C   . LEU A 1 44 ? -4.978  -0.034  -3.856  1.00 20.83 ? 44  LEU A C   1 
ATOM   316 O  O   . LEU A 1 44 ? -4.306  0.963   -3.600  1.00 11.36 ? 44  LEU A O   1 
ATOM   317 C  CB  . LEU A 1 44 ? -5.028  -1.777  -2.111  1.00 10.75 ? 44  LEU A CB  1 
ATOM   318 C  CG  . LEU A 1 44 ? -5.508  -2.152  -0.719  1.00 27.37 ? 44  LEU A CG  1 
ATOM   319 C  CD1 . LEU A 1 44 ? -4.575  -3.172  -0.087  1.00 29.39 ? 44  LEU A CD1 1 
ATOM   320 C  CD2 . LEU A 1 44 ? -5.649  -0.928  0.170   1.00 26.50 ? 44  LEU A CD2 1 
ATOM   321 N  N   . ALA A 1 45 ? -5.002  -0.632  -5.030  1.00 4.27  ? 45  ALA A N   1 
ATOM   322 C  CA  . ALA A 1 45 ? -4.163  -0.102  -6.118  1.00 5.84  ? 45  ALA A CA  1 
ATOM   323 C  C   . ALA A 1 45 ? -4.541  1.340   -6.459  1.00 7.11  ? 45  ALA A C   1 
ATOM   324 O  O   . ALA A 1 45 ? -3.680  2.215   -6.615  1.00 6.64  ? 45  ALA A O   1 
ATOM   325 C  CB  . ALA A 1 45 ? -4.312  -0.974  -7.362  1.00 4.10  ? 45  ALA A CB  1 
ATOM   326 N  N   . GLN A 1 46 ? -5.841  1.580   -6.431  1.00 6.45  ? 46  GLN A N   1 
ATOM   327 C  CA  . GLN A 1 46 ? -6.309  2.944   -6.685  1.00 12.92 ? 46  GLN A CA  1 
ATOM   328 C  C   . GLN A 1 46 ? -5.876  3.940   -5.601  1.00 9.42  ? 46  GLN A C   1 
ATOM   329 O  O   . GLN A 1 46 ? -5.506  5.077   -5.908  1.00 6.55  ? 46  GLN A O   1 
ATOM   330 C  CB  . GLN A 1 46 ? -7.829  2.899   -6.826  1.00 9.13  ? 46  GLN A CB  1 
ATOM   331 C  CG  . GLN A 1 46 ? -8.452  4.221   -7.274  1.00 12.13 ? 46  GLN A CG  1 
ATOM   332 C  CD  . GLN A 1 46 ? -8.193  4.511   -8.759  1.00 42.10 ? 46  GLN A CD  1 
ATOM   333 O  OE1 . GLN A 1 46 ? -8.718  5.504   -9.268  1.00 41.33 ? 46  GLN A OE1 1 
ATOM   334 N  NE2 . GLN A 1 46 ? -7.700  3.520   -9.496  1.00 14.79 ? 46  GLN A NE2 1 
ATOM   335 N  N   . ARG A 1 47 ? -5.888  3.471   -4.359  1.00 6.50  ? 47  ARG A N   1 
ATOM   336 C  CA  . ARG A 1 47 ? -5.488  4.333   -3.248  1.00 9.71  ? 47  ARG A CA  1 
ATOM   337 C  C   . ARG A 1 47 ? -3.975  4.564   -3.219  1.00 11.77 ? 47  ARG A C   1 
ATOM   338 O  O   . ARG A 1 47 ? -3.515  5.673   -2.922  1.00 7.90  ? 47  ARG A O   1 
ATOM   339 C  CB  . ARG A 1 47 ? -6.007  3.788   -1.911  1.00 4.52  ? 47  ARG A CB  1 
ATOM   340 C  CG  . ARG A 1 47 ? -7.532  3.705   -1.892  1.00 8.91  ? 47  ARG A CG  1 
ATOM   341 C  CD  . ARG A 1 47 ? -8.127  3.351   -0.527  1.00 71.26 ? 47  ARG A CD  1 
ATOM   342 N  NE  . ARG A 1 47 ? -9.368  2.553   -0.690  1.00 78.77 ? 47  ARG A NE  1 
ATOM   343 C  CZ  . ARG A 1 47 ? -9.923  1.698   0.191   1.00 79.02 ? 47  ARG A CZ  1 
ATOM   344 N  NH1 . ARG A 1 47 ? -10.994 1.034   -0.204  1.00 72.02 ? 47  ARG A NH1 1 
ATOM   345 N  NH2 . ARG A 1 47 ? -9.461  1.455   1.424   1.00 15.21 ? 47  ARG A NH2 1 
ATOM   346 N  N   . ILE A 1 48 ? -3.225  3.545   -3.592  1.00 3.90  ? 48  ILE A N   1 
ATOM   347 C  CA  . ILE A 1 48 ? -1.770  3.751   -3.699  1.00 7.98  ? 48  ILE A CA  1 
ATOM   348 C  C   . ILE A 1 48 ? -1.436  4.812   -4.743  1.00 5.25  ? 48  ILE A C   1 
ATOM   349 O  O   . ILE A 1 48 ? -0.658  5.732   -4.480  1.00 9.45  ? 48  ILE A O   1 
ATOM   350 C  CB  . ILE A 1 48 ? -1.078  2.435   -4.055  1.00 10.24 ? 48  ILE A CB  1 
ATOM   351 C  CG1 . ILE A 1 48 ? -1.278  1.409   -2.949  1.00 5.51  ? 48  ILE A CG1 1 
ATOM   352 C  CG2 . ILE A 1 48 ? 0.404   2.590   -4.393  1.00 19.42 ? 48  ILE A CG2 1 
ATOM   353 C  CD1 . ILE A 1 48 ? -0.787  0.032   -3.361  1.00 3.57  ? 48  ILE A CD1 1 
ATOM   354 N  N   . LYS A 1 49 ? -2.152  4.766   -5.846  1.00 6.09  ? 49  LYS A N   1 
ATOM   355 C  CA  . LYS A 1 49 ? -1.854  5.734   -6.907  1.00 10.90 ? 49  LYS A CA  1 
ATOM   356 C  C   . LYS A 1 49 ? -2.392  7.138   -6.623  1.00 12.11 ? 49  LYS A C   1 
ATOM   357 O  O   . LYS A 1 49 ? -1.705  8.143   -6.853  1.00 10.86 ? 49  LYS A O   1 
ATOM   358 C  CB  . LYS A 1 49 ? -2.380  5.206   -8.243  1.00 23.12 ? 49  LYS A CB  1 
ATOM   359 C  CG  . LYS A 1 49 ? -1.986  6.086   -9.421  1.00 46.66 ? 49  LYS A CG  1 
ATOM   360 C  CD  . LYS A 1 49 ? -2.525  5.554   -10.740 1.00 39.87 ? 49  LYS A CD  1 
ATOM   361 C  CE  . LYS A 1 49 ? -2.281  6.537   -11.880 1.00 42.84 ? 49  LYS A CE  1 
ATOM   362 N  NZ  . LYS A 1 49 ? -0.838  6.755   -12.053 1.00 72.64 ? 49  LYS A NZ  1 
ATOM   363 N  N   . ASN A 1 50 ? -3.657  7.206   -6.251  1.00 6.85  ? 50  ASN A N   1 
ATOM   364 C  CA  . ASN A 1 50 ? -4.291  8.525   -6.168  1.00 5.30  ? 50  ASN A CA  1 
ATOM   365 C  C   . ASN A 1 50 ? -4.362  9.098   -4.756  1.00 12.15 ? 50  ASN A C   1 
ATOM   366 O  O   . ASN A 1 50 ? -4.880  10.202  -4.563  1.00 12.03 ? 50  ASN A O   1 
ATOM   367 C  CB  . ASN A 1 50 ? -5.705  8.463   -6.736  1.00 13.94 ? 50  ASN A CB  1 
ATOM   368 C  CG  . ASN A 1 50 ? -5.620  8.152   -8.231  1.00 37.93 ? 50  ASN A CG  1 
ATOM   369 O  OD1 . ASN A 1 50 ? -4.786  8.759   -8.913  1.00 27.69 ? 50  ASN A OD1 1 
ATOM   370 N  ND2 . ASN A 1 50 ? -6.042  6.933   -8.551  1.00 31.08 ? 50  ASN A ND2 1 
ATOM   371 N  N   . GLY A 1 51 ? -3.889  8.353   -3.786  1.00 6.03  ? 51  GLY A N   1 
ATOM   372 C  CA  . GLY A 1 51 ? -3.947  8.908   -2.431  1.00 7.94  ? 51  GLY A CA  1 
ATOM   373 C  C   . GLY A 1 51 ? -5.031  8.290   -1.548  1.00 24.89 ? 51  GLY A C   1 
ATOM   374 O  O   . GLY A 1 51 ? -5.985  7.681   -2.032  1.00 7.40  ? 51  GLY A O   1 
ATOM   375 N  N   . SER A 1 52 ? -4.861  8.435   -0.257  1.00 10.89 ? 52  SER A N   1 
ATOM   376 C  CA  . SER A 1 52 ? -5.838  7.905   0.699   1.00 8.82  ? 52  SER A CA  1 
ATOM   377 C  C   . SER A 1 52 ? -5.938  8.795   1.936   1.00 19.64 ? 52  SER A C   1 
ATOM   378 O  O   . SER A 1 52 ? -4.928  9.341   2.374   1.00 9.00  ? 52  SER A O   1 
ATOM   379 C  CB  . SER A 1 52 ? -5.413  6.498   1.127   1.00 11.38 ? 52  SER A CB  1 
ATOM   380 O  OG  . SER A 1 52 ? -6.427  5.916   1.943   1.00 11.66 ? 52  SER A OG  1 
ATOM   381 N  N   . GLN A 1 53 ? -7.096  8.832   2.563   1.00 5.53  ? 53  GLN A N   1 
ATOM   382 C  CA  . GLN A 1 53 ? -7.214  9.519   3.863   1.00 6.25  ? 53  GLN A CA  1 
ATOM   383 C  C   . GLN A 1 53 ? -8.374  8.941   4.674   1.00 14.53 ? 53  GLN A C   1 
ATOM   384 O  O   . GLN A 1 53 ? -9.443  8.700   4.104   1.00 15.96 ? 53  GLN A O   1 
ATOM   385 C  CB  . GLN A 1 53 ? -7.443  11.026  3.667   1.00 11.27 ? 53  GLN A CB  1 
ATOM   386 C  CG  . GLN A 1 53 ? -7.320  11.791  4.986   1.00 15.35 ? 53  GLN A CG  1 
ATOM   387 C  CD  . GLN A 1 53 ? -7.420  13.307  4.781   1.00 31.88 ? 53  GLN A CD  1 
ATOM   388 O  OE1 . GLN A 1 53 ? -6.997  14.060  5.655   1.00 35.54 ? 53  GLN A OE1 1 
ATOM   389 N  NE2 . GLN A 1 53 ? -7.501  13.723  3.545   1.00 32.23 ? 53  GLN A NE2 1 
ATOM   390 N  N   . GLY A 1 54 ? -8.198  8.822   5.983   1.00 14.71 ? 54  GLY A N   1 
ATOM   391 C  CA  . GLY A 1 54 ? -9.376  8.509   6.805   1.00 10.12 ? 54  GLY A CA  1 
ATOM   392 C  C   . GLY A 1 54 ? -9.504  7.032   7.178   1.00 18.60 ? 54  GLY A C   1 
ATOM   393 O  O   . GLY A 1 54 ? -10.226 6.694   8.119   1.00 24.91 ? 54  GLY A O   1 
ATOM   394 N  N   . VAL A 1 55 ? -8.865  6.165   6.411   1.00 10.62 ? 55  VAL A N   1 
ATOM   395 C  CA  . VAL A 1 55 ? -9.014  4.729   6.712   1.00 8.14  ? 55  VAL A CA  1 
ATOM   396 C  C   . VAL A 1 55 ? -8.229  4.281   7.946   1.00 16.10 ? 55  VAL A C   1 
ATOM   397 O  O   . VAL A 1 55 ? -8.696  3.431   8.719   1.00 15.56 ? 55  VAL A O   1 
ATOM   398 C  CB  . VAL A 1 55 ? -8.670  3.879   5.492   1.00 28.59 ? 55  VAL A CB  1 
ATOM   399 C  CG1 . VAL A 1 55 ? -8.944  2.388   5.711   1.00 16.82 ? 55  VAL A CG1 1 
ATOM   400 C  CG2 . VAL A 1 55 ? -9.387  4.390   4.248   1.00 35.48 ? 55  VAL A CG2 1 
ATOM   401 N  N   . TRP A 1 56 ? -7.038  4.849   8.104   1.00 7.09  ? 56  TRP A N   1 
ATOM   402 C  CA  . TRP A 1 56 ? -6.144  4.428   9.200   1.00 10.80 ? 56  TRP A CA  1 
ATOM   403 C  C   . TRP A 1 56 ? -5.814  5.555   10.167  1.00 27.46 ? 56  TRP A C   1 
ATOM   404 O  O   . TRP A 1 56 ? -4.909  5.423   11.000  1.00 23.65 ? 56  TRP A O   1 
ATOM   405 C  CB  . TRP A 1 56 ? -4.836  3.901   8.630   1.00 8.97  ? 56  TRP A CB  1 
ATOM   406 C  CG  . TRP A 1 56 ? -5.028  2.668   7.785   1.00 12.94 ? 56  TRP A CG  1 
ATOM   407 C  CD1 . TRP A 1 56 ? -5.263  2.586   6.421   1.00 8.89  ? 56  TRP A CD1 1 
ATOM   408 C  CD2 . TRP A 1 56 ? -5.074  1.349   8.246   1.00 7.80  ? 56  TRP A CD2 1 
ATOM   409 N  NE1 . TRP A 1 56 ? -5.439  1.269   6.083   1.00 15.23 ? 56  TRP A NE1 1 
ATOM   410 C  CE2 . TRP A 1 56 ? -5.331  0.533   7.123   1.00 12.40 ? 56  TRP A CE2 1 
ATOM   411 C  CE3 . TRP A 1 56 ? -4.930  0.811   9.516   1.00 9.83  ? 56  TRP A CE3 1 
ATOM   412 C  CZ2 . TRP A 1 56 ? -5.442  -0.844  7.209   1.00 30.08 ? 56  TRP A CZ2 1 
ATOM   413 C  CZ3 . TRP A 1 56 ? -5.046  -0.585  9.618   1.00 12.68 ? 56  TRP A CZ3 1 
ATOM   414 C  CH2 . TRP A 1 56 ? -5.293  -1.389  8.496   1.00 20.85 ? 56  TRP A CH2 1 
ATOM   415 N  N   . GLY A 1 57 ? -6.471  6.671   9.945   1.00 15.27 ? 57  GLY A N   1 
ATOM   416 C  CA  . GLY A 1 57 ? -6.164  7.880   10.723  1.00 11.62 ? 57  GLY A CA  1 
ATOM   417 C  C   . GLY A 1 57 ? -6.445  9.121   9.888   1.00 4.96  ? 57  GLY A C   1 
ATOM   418 O  O   . GLY A 1 57 ? -6.997  8.979   8.793   1.00 6.34  ? 57  GLY A O   1 
ATOM   419 N  N   . PRO A 1 58 ? -6.201  10.299  10.460  1.00 9.84  ? 58  PRO A N   1 
ATOM   420 C  CA  . PRO A 1 58 ? -6.649  11.576  9.886   1.00 9.20  ? 58  PRO A CA  1 
ATOM   421 C  C   . PRO A 1 58 ? -5.684  12.130  8.836   1.00 12.43 ? 58  PRO A C   1 
ATOM   422 O  O   . PRO A 1 58 ? -6.026  13.101  8.154   1.00 11.35 ? 58  PRO A O   1 
ATOM   423 C  CB  . PRO A 1 58 ? -6.705  12.536  11.067  1.00 4.27  ? 58  PRO A CB  1 
ATOM   424 C  CG  . PRO A 1 58 ? -5.660  12.016  12.019  1.00 5.63  ? 58  PRO A CG  1 
ATOM   425 C  CD  . PRO A 1 58 ? -5.726  10.498  11.853  1.00 11.91 ? 58  PRO A CD  1 
ATOM   426 N  N   . ILE A 1 59 ? -4.475  11.575  8.771   1.00 10.67 ? 59  ILE A N   1 
ATOM   427 C  CA  . ILE A 1 59 ? -3.474  12.125  7.843   1.00 9.11  ? 59  ILE A CA  1 
ATOM   428 C  C   . ILE A 1 59 ? -3.433  11.366  6.518   1.00 14.96 ? 59  ILE A C   1 
ATOM   429 O  O   . ILE A 1 59 ? -3.722  10.165  6.465   1.00 9.10  ? 59  ILE A O   1 
ATOM   430 C  CB  . ILE A 1 59 ? -2.091  12.183  8.486   1.00 12.67 ? 59  ILE A CB  1 
ATOM   431 C  CG1 . ILE A 1 59 ? -1.445  10.816  8.667   1.00 9.52  ? 59  ILE A CG1 1 
ATOM   432 C  CG2 . ILE A 1 59 ? -2.100  12.999  9.769   1.00 23.14 ? 59  ILE A CG2 1 
ATOM   433 C  CD1 . ILE A 1 59 ? 0.028   10.951  9.035   1.00 9.87  ? 59  ILE A CD1 1 
ATOM   434 N  N   . PRO A 1 60 ? -3.209  12.086  5.438   1.00 7.27  ? 60  PRO A N   1 
ATOM   435 C  CA  . PRO A 1 60 ? -3.329  11.518  4.093   1.00 4.42  ? 60  PRO A CA  1 
ATOM   436 C  C   . PRO A 1 60 ? -2.062  10.787  3.661   1.00 8.28  ? 60  PRO A C   1 
ATOM   437 O  O   . PRO A 1 60 ? -0.940  11.234  3.926   1.00 11.06 ? 60  PRO A O   1 
ATOM   438 C  CB  . PRO A 1 60 ? -3.529  12.724  3.191   1.00 6.74  ? 60  PRO A CB  1 
ATOM   439 C  CG  . PRO A 1 60 ? -2.768  13.824  3.891   1.00 9.73  ? 60  PRO A CG  1 
ATOM   440 C  CD  . PRO A 1 60 ? -2.957  13.536  5.375   1.00 6.79  ? 60  PRO A CD  1 
ATOM   441 N  N   . MET A 1 61 ? -2.275  9.822   2.801   1.00 8.25  ? 61  MET A N   1 
ATOM   442 C  CA  . MET A 1 61 ? -1.187  9.394   1.914   1.00 8.26  ? 61  MET A CA  1 
ATOM   443 C  C   . MET A 1 61 ? -1.330  10.223  0.646   1.00 19.43 ? 61  MET A C   1 
ATOM   444 O  O   . MET A 1 61 ? -2.388  10.159  0.010   1.00 6.13  ? 61  MET A O   1 
ATOM   445 C  CB  . MET A 1 61 ? -1.360  7.940   1.492   1.00 -1.46 ? 61  MET A CB  1 
ATOM   446 C  CG  . MET A 1 61 ? -0.261  7.554   0.495   1.00 0.50  ? 61  MET A CG  1 
ATOM   447 S  SD  . MET A 1 61 ? -0.079  5.769   0.215   1.00 6.31  ? 61  MET A SD  1 
ATOM   448 C  CE  . MET A 1 61 ? -1.750  5.136   -0.049  1.00 0.79  ? 61  MET A CE  1 
ATOM   449 N  N   . PRO A 1 62 ? -0.333  11.047  0.358   1.00 12.48 ? 62  PRO A N   1 
ATOM   450 C  CA  . PRO A 1 62 ? -0.265  11.844  -0.881  1.00 11.51 ? 62  PRO A CA  1 
ATOM   451 C  C   . PRO A 1 62 ? -0.211  10.921  -2.095  1.00 6.02  ? 62  PRO A C   1 
ATOM   452 O  O   . PRO A 1 62 ? 0.279   9.791   -1.983  1.00 8.05  ? 62  PRO A O   1 
ATOM   453 C  CB  . PRO A 1 62 ? 1.062   12.591  -0.796  1.00 18.61 ? 62  PRO A CB  1 
ATOM   454 C  CG  . PRO A 1 62 ? 1.509   12.475  0.646   1.00 36.34 ? 62  PRO A CG  1 
ATOM   455 C  CD  . PRO A 1 62 ? 0.923   11.161  1.117   1.00 7.19  ? 62  PRO A CD  1 
ATOM   456 N  N   . PRO A 1 63 ? -0.694  11.385  -3.243  1.00 8.86  ? 63  PRO A N   1 
ATOM   457 C  CA  . PRO A 1 63 ? -0.626  10.611  -4.496  1.00 7.29  ? 63  PRO A CA  1 
ATOM   458 C  C   . PRO A 1 63 ? 0.813   10.249  -4.873  1.00 6.22  ? 63  PRO A C   1 
ATOM   459 O  O   . PRO A 1 63 ? 1.754   10.986  -4.581  1.00 6.44  ? 63  PRO A O   1 
ATOM   460 C  CB  . PRO A 1 63 ? -1.281  11.480  -5.554  1.00 7.72  ? 63  PRO A CB  1 
ATOM   461 C  CG  . PRO A 1 63 ? -1.152  12.886  -5.021  1.00 17.12 ? 63  PRO A CG  1 
ATOM   462 C  CD  . PRO A 1 63 ? -1.206  12.742  -3.506  1.00 10.32 ? 63  PRO A CD  1 
ATOM   463 N  N   . ASN A 1 64 ? 0.973   9.021   -5.315  1.00 6.79  ? 64  ASN A N   1 
ATOM   464 C  CA  . ASN A 1 64 ? 2.303   8.491   -5.600  1.00 6.49  ? 64  ASN A CA  1 
ATOM   465 C  C   . ASN A 1 64 ? 2.651   8.612   -7.078  1.00 10.48 ? 64  ASN A C   1 
ATOM   466 O  O   . ASN A 1 64 ? 1.750   8.680   -7.921  1.00 5.08  ? 64  ASN A O   1 
ATOM   467 C  CB  . ASN A 1 64 ? 2.385   7.029   -5.155  1.00 13.37 ? 64  ASN A CB  1 
ATOM   468 C  CG  . ASN A 1 64 ? 2.531   6.966   -3.626  1.00 27.18 ? 64  ASN A CG  1 
ATOM   469 O  OD1 . ASN A 1 64 ? 3.557   7.379   -3.079  1.00 8.02  ? 64  ASN A OD1 1 
ATOM   470 N  ND2 . ASN A 1 64 ? 1.498   6.499   -2.950  1.00 4.58  ? 64  ASN A ND2 1 
ATOM   471 N  N   . ALA A 1 65 ? 3.949   8.594   -7.340  1.00 9.61  ? 65  ALA A N   1 
ATOM   472 C  CA  . ALA A 1 65 ? 4.488   8.626   -8.708  1.00 6.62  ? 65  ALA A CA  1 
ATOM   473 C  C   . ALA A 1 65 ? 4.635   7.210   -9.259  1.00 4.00  ? 65  ALA A C   1 
ATOM   474 O  O   . ALA A 1 65 ? 5.749   6.721   -9.464  1.00 10.63 ? 65  ALA A O   1 
ATOM   475 C  CB  . ALA A 1 65 ? 5.866   9.285   -8.701  1.00 6.75  ? 65  ALA A CB  1 
ATOM   476 N  N   . VAL A 1 66 ? 3.517   6.516   -9.310  1.00 6.56  ? 66  VAL A N   1 
ATOM   477 C  CA  . VAL A 1 66 ? 3.514   5.137   -9.810  1.00 6.20  ? 66  VAL A CA  1 
ATOM   478 C  C   . VAL A 1 66 ? 2.531   5.014   -10.972 1.00 10.66 ? 66  VAL A C   1 
ATOM   479 O  O   . VAL A 1 66 ? 1.540   5.739   -11.025 1.00 8.90  ? 66  VAL A O   1 
ATOM   480 C  CB  . VAL A 1 66 ? 3.114   4.135   -8.712  1.00 8.15  ? 66  VAL A CB  1 
ATOM   481 C  CG1 . VAL A 1 66 ? 4.206   3.914   -7.669  1.00 6.55  ? 66  VAL A CG1 1 
ATOM   482 C  CG2 . VAL A 1 66 ? 1.755   4.441   -8.085  1.00 6.85  ? 66  VAL A CG2 1 
ATOM   483 N  N   . SER A 1 67 ? 2.774   4.061   -11.841 1.00 7.66  ? 67  SER A N   1 
ATOM   484 C  CA  . SER A 1 67 ? 1.810   3.811   -12.903 1.00 9.53  ? 67  SER A CA  1 
ATOM   485 C  C   . SER A 1 67 ? 0.762   2.810   -12.417 1.00 9.52  ? 67  SER A C   1 
ATOM   486 O  O   . SER A 1 67 ? 0.923   2.194   -11.356 1.00 9.28  ? 67  SER A O   1 
ATOM   487 C  CB  . SER A 1 67 ? 2.550   3.212   -14.096 1.00 9.69  ? 67  SER A CB  1 
ATOM   488 O  OG  . SER A 1 67 ? 2.948   1.887   -13.759 1.00 8.83  ? 67  SER A OG  1 
ATOM   489 N  N   . ASP A 1 68 ? -0.270  2.650   -13.204 1.00 13.26 ? 68  ASP A N   1 
ATOM   490 C  CA  . ASP A 1 68 ? -1.307  1.672   -12.872 1.00 13.72 ? 68  ASP A CA  1 
ATOM   491 C  C   . ASP A 1 68 ? -0.762  0.251   -12.721 1.00 15.45 ? 68  ASP A C   1 
ATOM   492 O  O   . ASP A 1 68 ? -1.163  -0.432  -11.776 1.00 13.25 ? 68  ASP A O   1 
ATOM   493 C  CB  . ASP A 1 68 ? -2.391  1.682   -13.946 1.00 12.30 ? 68  ASP A CB  1 
ATOM   494 C  CG  . ASP A 1 68 ? -3.695  2.097   -13.278 1.00 75.39 ? 68  ASP A CG  1 
ATOM   495 O  OD1 . ASP A 1 68 ? -4.289  1.250   -12.604 1.00 51.08 ? 68  ASP A OD1 1 
ATOM   496 O  OD2 . ASP A 1 68 ? -3.974  3.301   -13.253 1.00 51.40 ? 68  ASP A OD2 1 
ATOM   497 N  N   . ASP A 1 69 ? 0.136   -0.184  -13.628 1.00 4.69  ? 69  ASP A N   1 
ATOM   498 C  CA  . ASP A 1 69 ? 0.643   -1.577  -13.441 1.00 10.35 ? 69  ASP A CA  1 
ATOM   499 C  C   . ASP A 1 69 ? 1.518   -1.662  -12.190 1.00 9.34  ? 69  ASP A C   1 
ATOM   500 O  O   . ASP A 1 69 ? 1.516   -2.688  -11.510 1.00 9.02  ? 69  ASP A O   1 
ATOM   501 C  CB  . ASP A 1 69 ? 1.269   -2.365  -14.638 1.00 16.16 ? 69  ASP A CB  1 
ATOM   502 C  CG  . ASP A 1 69 ? 2.614   -1.741  -14.914 1.00 40.92 ? 69  ASP A CG  1 
ATOM   503 O  OD1 . ASP A 1 69 ? 2.713   -0.569  -15.311 1.00 40.82 ? 69  ASP A OD1 1 
ATOM   504 O  OD2 . ASP A 1 69 ? 3.527   -2.397  -14.407 1.00 35.05 ? 69  ASP A OD2 1 
ATOM   505 N  N   . GLU A 1 70 ? 2.178   -0.552  -11.864 1.00 7.88  ? 70  GLU A N   1 
ATOM   506 C  CA  . GLU A 1 70 ? 3.016   -0.552  -10.643 1.00 5.45  ? 70  GLU A CA  1 
ATOM   507 C  C   . GLU A 1 70 ? 2.183   -0.591  -9.361  1.00 6.85  ? 70  GLU A C   1 
ATOM   508 O  O   . GLU A 1 70 ? 2.534   -1.284  -8.402  1.00 10.56 ? 70  GLU A O   1 
ATOM   509 C  CB  . GLU A 1 70 ? 3.947   0.667   -10.611 1.00 5.41  ? 70  GLU A CB  1 
ATOM   510 C  CG  . GLU A 1 70 ? 5.053   0.529   -11.656 1.00 8.40  ? 70  GLU A CG  1 
ATOM   511 C  CD  . GLU A 1 70 ? 5.848   1.832   -11.801 1.00 11.37 ? 70  GLU A CD  1 
ATOM   512 O  OE1 . GLU A 1 70 ? 5.335   2.904   -11.471 1.00 7.86  ? 70  GLU A OE1 1 
ATOM   513 O  OE2 . GLU A 1 70 ? 6.947   1.777   -12.357 1.00 12.72 ? 70  GLU A OE2 1 
ATOM   514 N  N   . ALA A 1 71 ? 1.091   0.137   -9.383  1.00 12.50 ? 71  ALA A N   1 
ATOM   515 C  CA  . ALA A 1 71 ? 0.190   0.149   -8.220  1.00 8.21  ? 71  ALA A CA  1 
ATOM   516 C  C   . ALA A 1 71 ? -0.457  -1.217  -7.987  1.00 6.11  ? 71  ALA A C   1 
ATOM   517 O  O   . ALA A 1 71 ? -0.618  -1.636  -6.840  1.00 8.89  ? 71  ALA A O   1 
ATOM   518 C  CB  . ALA A 1 71 ? -0.893  1.192   -8.431  1.00 8.68  ? 71  ALA A CB  1 
ATOM   519 N  N   . GLN A 1 72 ? -0.798  -1.889  -9.076  1.00 7.33  ? 72  GLN A N   1 
ATOM   520 C  CA  . GLN A 1 72 ? -1.392  -3.224  -8.935  1.00 4.33  ? 72  GLN A CA  1 
ATOM   521 C  C   . GLN A 1 72 ? -0.377  -4.198  -8.358  1.00 7.45  ? 72  GLN A C   1 
ATOM   522 O  O   . GLN A 1 72 ? -0.733  -5.025  -7.513  1.00 8.76  ? 72  GLN A O   1 
ATOM   523 C  CB  . GLN A 1 72 ? -1.823  -3.761  -10.291 1.00 6.93  ? 72  GLN A CB  1 
ATOM   524 C  CG  . GLN A 1 72 ? -3.148  -3.197  -10.762 1.00 43.45 ? 72  GLN A CG  1 
ATOM   525 C  CD  . GLN A 1 72 ? -4.294  -3.790  -9.933  1.00 74.87 ? 72  GLN A CD  1 
ATOM   526 O  OE1 . GLN A 1 72 ? -5.410  -3.261  -9.978  1.00 35.61 ? 72  GLN A OE1 1 
ATOM   527 N  NE2 . GLN A 1 72 ? -4.117  -5.037  -9.507  1.00 68.05 ? 72  GLN A NE2 1 
ATOM   528 N  N   . THR A 1 73 ? 0.859   -4.060  -8.826  1.00 5.91  ? 73  THR A N   1 
ATOM   529 C  CA  . THR A 1 73 ? 1.920   -4.955  -8.332  1.00 12.26 ? 73  THR A CA  1 
ATOM   530 C  C   . THR A 1 73 ? 2.159   -4.786  -6.833  1.00 8.78  ? 73  THR A C   1 
ATOM   531 O  O   . THR A 1 73 ? 2.261   -5.767  -6.085  1.00 8.79  ? 73  THR A O   1 
ATOM   532 C  CB  . THR A 1 73 ? 3.194   -4.658  -9.106  1.00 12.25 ? 73  THR A CB  1 
ATOM   533 O  OG1 . THR A 1 73 ? 2.953   -4.999  -10.460 1.00 16.00 ? 73  THR A OG1 1 
ATOM   534 C  CG2 . THR A 1 73 ? 4.400   -5.441  -8.609  1.00 7.99  ? 73  THR A CG2 1 
ATOM   535 N  N   . LEU A 1 74 ? 2.173   -3.524  -6.443  1.00 5.15  ? 74  LEU A N   1 
ATOM   536 C  CA  . LEU A 1 74 ? 2.382   -3.175  -5.043  1.00 5.78  ? 74  LEU A CA  1 
ATOM   537 C  C   . LEU A 1 74 ? 1.197   -3.600  -4.175  1.00 14.55 ? 74  LEU A C   1 
ATOM   538 O  O   . LEU A 1 74 ? 1.406   -4.125  -3.081  1.00 8.54  ? 74  LEU A O   1 
ATOM   539 C  CB  . LEU A 1 74 ? 2.629   -1.672  -4.912  1.00 5.62  ? 74  LEU A CB  1 
ATOM   540 C  CG  . LEU A 1 74 ? 4.059   -1.270  -5.263  1.00 5.29  ? 74  LEU A CG  1 
ATOM   541 C  CD1 . LEU A 1 74 ? 4.195   0.222   -5.529  1.00 3.85  ? 74  LEU A CD1 1 
ATOM   542 C  CD2 . LEU A 1 74 ? 5.067   -1.732  -4.213  1.00 6.21  ? 74  LEU A CD2 1 
ATOM   543 N  N   . ALA A 1 75 ? -0.012  -3.377  -4.667  1.00 8.50  ? 75  ALA A N   1 
ATOM   544 C  CA  . ALA A 1 75 ? -1.197  -3.761  -3.876  1.00 6.18  ? 75  ALA A CA  1 
ATOM   545 C  C   . ALA A 1 75 ? -1.227  -5.264  -3.592  1.00 17.45 ? 75  ALA A C   1 
ATOM   546 O  O   . ALA A 1 75 ? -1.468  -5.687  -2.458  1.00 16.23 ? 75  ALA A O   1 
ATOM   547 C  CB  . ALA A 1 75 ? -2.462  -3.395  -4.631  1.00 2.57  ? 75  ALA A CB  1 
ATOM   548 N  N   . LYS A 1 76 ? -0.907  -6.018  -4.633  1.00 5.48  ? 76  LYS A N   1 
ATOM   549 C  CA  . LYS A 1 76 ? -0.872  -7.482  -4.526  1.00 5.76  ? 76  LYS A CA  1 
ATOM   550 C  C   . LYS A 1 76 ? 0.189   -7.945  -3.514  1.00 12.02 ? 76  LYS A C   1 
ATOM   551 O  O   . LYS A 1 76 ? -0.080  -8.797  -2.653  1.00 8.83  ? 76  LYS A O   1 
ATOM   552 C  CB  . LYS A 1 76 ? -0.561  -8.003  -5.925  1.00 26.66 ? 76  LYS A CB  1 
ATOM   553 C  CG  . LYS A 1 76 ? -0.085  -9.451  -5.969  1.00 63.25 ? 76  LYS A CG  1 
ATOM   554 C  CD  . LYS A 1 76 ? 0.635   -9.760  -7.281  1.00 76.78 ? 76  LYS A CD  1 
ATOM   555 C  CE  . LYS A 1 76 ? 1.709   -8.723  -7.642  1.00 49.01 ? 76  LYS A CE  1 
ATOM   556 N  NZ  . LYS A 1 76 ? 2.744   -8.567  -6.591  1.00 19.58 ? 76  LYS A NZ  1 
ATOM   557 N  N   . TRP A 1 77 ? 1.336   -7.277  -3.546  1.00 5.99  ? 77  TRP A N   1 
ATOM   558 C  CA  . TRP A 1 77 ? 2.404   -7.619  -2.607  1.00 3.43  ? 77  TRP A CA  1 
ATOM   559 C  C   . TRP A 1 77 ? 2.065   -7.228  -1.166  1.00 8.48  ? 77  TRP A C   1 
ATOM   560 O  O   . TRP A 1 77 ? 2.310   -8.025  -0.258  1.00 11.40 ? 77  TRP A O   1 
ATOM   561 C  CB  . TRP A 1 77 ? 3.692   -6.960  -3.077  1.00 6.86  ? 77  TRP A CB  1 
ATOM   562 C  CG  . TRP A 1 77 ? 4.886   -7.078  -2.154  1.00 9.70  ? 77  TRP A CG  1 
ATOM   563 C  CD1 . TRP A 1 77 ? 5.692   -8.183  -1.902  1.00 8.33  ? 77  TRP A CD1 1 
ATOM   564 C  CD2 . TRP A 1 77 ? 5.410   -6.056  -1.350  1.00 9.17  ? 77  TRP A CD2 1 
ATOM   565 N  NE1 . TRP A 1 77 ? 6.655   -7.830  -0.993  1.00 15.70 ? 77  TRP A NE1 1 
ATOM   566 C  CE2 . TRP A 1 77 ? 6.517   -6.599  -0.664  1.00 14.16 ? 77  TRP A CE2 1 
ATOM   567 C  CE3 . TRP A 1 77 ? 5.011   -4.742  -1.164  1.00 7.51  ? 77  TRP A CE3 1 
ATOM   568 C  CZ2 . TRP A 1 77 ? 7.280   -5.860  0.222   1.00 14.36 ? 77  TRP A CZ2 1 
ATOM   569 C  CZ3 . TRP A 1 77 ? 5.768   -3.992  -0.261  1.00 11.89 ? 77  TRP A CZ3 1 
ATOM   570 C  CH2 . TRP A 1 77 ? 6.874   -4.534  0.412   1.00 11.61 ? 77  TRP A CH2 1 
ATOM   571 N  N   . VAL A 1 78 ? 1.433   -6.069  -0.987  1.00 7.70  ? 78  VAL A N   1 
ATOM   572 C  CA  . VAL A 1 78 ? 0.979   -5.677  0.367   1.00 7.67  ? 78  VAL A CA  1 
ATOM   573 C  C   . VAL A 1 78 ? -0.024  -6.676  0.951   1.00 13.32 ? 78  VAL A C   1 
ATOM   574 O  O   . VAL A 1 78 ? 0.125   -7.126  2.090   1.00 8.75  ? 78  VAL A O   1 
ATOM   575 C  CB  . VAL A 1 78 ? 0.361   -4.283  0.349   1.00 6.08  ? 78  VAL A CB  1 
ATOM   576 C  CG1 . VAL A 1 78 ? -0.379  -3.941  1.638   1.00 6.65  ? 78  VAL A CG1 1 
ATOM   577 C  CG2 . VAL A 1 78 ? 1.394   -3.214  0.014   1.00 2.67  ? 78  VAL A CG2 1 
ATOM   578 N  N   . LEU A 1 79 ? -0.958  -7.094  0.125   1.00 10.71 ? 79  LEU A N   1 
ATOM   579 C  CA  . LEU A 1 79 ? -1.927  -8.079  0.610   1.00 11.15 ? 79  LEU A CA  1 
ATOM   580 C  C   . LEU A 1 79 ? -1.299  -9.433  0.920   1.00 19.27 ? 79  LEU A C   1 
ATOM   581 O  O   . LEU A 1 79 ? -1.890  -10.227 1.656   1.00 15.84 ? 79  LEU A O   1 
ATOM   582 C  CB  . LEU A 1 79 ? -3.024  -8.263  -0.422  1.00 4.42  ? 79  LEU A CB  1 
ATOM   583 C  CG  . LEU A 1 79 ? -3.892  -7.029  -0.469  1.00 10.85 ? 79  LEU A CG  1 
ATOM   584 C  CD1 . LEU A 1 79 ? -4.840  -7.053  -1.655  1.00 18.91 ? 79  LEU A CD1 1 
ATOM   585 C  CD2 . LEU A 1 79 ? -4.637  -6.838  0.843   1.00 18.63 ? 79  LEU A CD2 1 
ATOM   586 N  N   . SER A 1 80 ? -0.124  -9.684  0.380   1.00 14.18 ? 80  SER A N   1 
ATOM   587 C  CA  . SER A 1 80 ? 0.434   -11.012 0.671   1.00 10.58 ? 80  SER A CA  1 
ATOM   588 C  C   . SER A 1 80 ? 1.207   -11.025 1.976   1.00 17.49 ? 80  SER A C   1 
ATOM   589 O  O   . SER A 1 80 ? 1.680   -12.076 2.410   1.00 20.37 ? 80  SER A O   1 
ATOM   590 C  CB  . SER A 1 80 ? 1.332   -11.503 -0.448  1.00 13.02 ? 80  SER A CB  1 
ATOM   591 O  OG  . SER A 1 80 ? 2.551   -10.802 -0.333  1.00 22.71 ? 80  SER A OG  1 
ATOM   592 N  N   . GLN A 1 81 ? 1.242   -9.867  2.609   1.00 12.20 ? 81  GLN A N   1 
ATOM   593 C  CA  . GLN A 1 81 ? 1.857   -9.785  3.941   1.00 23.49 ? 81  GLN A CA  1 
ATOM   594 C  C   . GLN A 1 81 ? 0.969   -10.275 5.095   1.00 20.30 ? 81  GLN A C   1 
ATOM   595 O  O   . GLN A 1 81 ? 1.300   -10.058 6.263   1.00 40.26 ? 81  GLN A O   1 
ATOM   596 C  CB  . GLN A 1 81 ? 2.339   -8.368  4.196   1.00 9.05  ? 81  GLN A CB  1 
ATOM   597 C  CG  . GLN A 1 81 ? 3.197   -7.825  3.053   1.00 24.19 ? 81  GLN A CG  1 
ATOM   598 C  CD  . GLN A 1 81 ? 4.412   -8.719  2.781   1.00 46.42 ? 81  GLN A CD  1 
ATOM   599 O  OE1 . GLN A 1 81 ? 4.858   -8.822  1.633   1.00 30.49 ? 81  GLN A OE1 1 
ATOM   600 N  NE2 . GLN A 1 81 ? 5.138   -9.027  3.837   1.00 22.90 ? 81  GLN A NE2 1 
ATOM   601 N  N   . LYS A 1 82 ? -0.063  -11.042 4.743   1.00 47.78 ? 82  LYS A N   1 
ATOM   602 C  CA  . LYS A 1 82 ? -0.907  -11.780 5.709   1.00 44.46 ? 82  LYS A CA  1 
ATOM   603 C  C   . LYS A 1 82 ? -0.996  -13.246 5.291   1.00 78.01 ? 82  LYS A C   1 
ATOM   604 O  O   . LYS A 1 82 ? -1.675  -13.509 4.291   1.00 73.22 ? 82  LYS A O   1 
ATOM   605 C  CB  . LYS A 1 82 ? -2.340  -11.260 5.724   1.00 71.07 ? 82  LYS A CB  1 
ATOM   606 C  CG  . LYS A 1 82 ? -3.214  -11.938 6.780   1.00 57.27 ? 82  LYS A CG  1 
ATOM   607 C  CD  . LYS A 1 82 ? -4.620  -12.221 6.259   1.00 73.47 ? 82  LYS A CD  1 
ATOM   608 C  CE  . LYS A 1 82 ? -5.727  -11.807 7.226   1.00 77.94 ? 82  LYS A CE  1 
ATOM   609 N  NZ  . LYS A 1 82 ? -5.602  -12.511 8.512   1.00 55.13 ? 82  LYS A NZ  1 
ATOM   610 O  OXT . LYS A 1 82 ? -0.247  -14.063 5.833   1.00 71.16 ? 82  LYS A OXT 1 
HETATM 611 C  CHA . HEM B 2 .  ? -1.907  4.035   3.526   1.00 5.52  ? 0   HEM A CHA 1 
HETATM 612 C  CHB . HEM B 2 .  ? 0.713   1.742   0.198   1.00 7.91  ? 0   HEM A CHB 1 
HETATM 613 C  CHC . HEM B 2 .  ? 3.802   5.450   0.093   1.00 6.02  ? 0   HEM A CHC 1 
HETATM 614 C  CHD . HEM B 2 .  ? 1.528   7.418   3.854   1.00 10.53 ? 0   HEM A CHD 1 
HETATM 615 C  C1A . HEM B 2 .  ? -1.482  3.100   2.606   1.00 6.23  ? 0   HEM A C1A 1 
HETATM 616 C  C2A . HEM B 2 .  ? -2.135  1.921   2.308   1.00 8.27  ? 0   HEM A C2A 1 
HETATM 617 C  C3A . HEM B 2 .  ? -1.354  1.237   1.389   1.00 7.07  ? 0   HEM A C3A 1 
HETATM 618 C  C4A . HEM B 2 .  ? -0.275  2.041   1.110   1.00 9.92  ? 0   HEM A C4A 1 
HETATM 619 C  CMA . HEM B 2 .  ? -1.621  -0.118  0.766   1.00 7.00  ? 0   HEM A CMA 1 
HETATM 620 C  CAA . HEM B 2 .  ? -3.467  1.500   2.858   1.00 7.29  ? 0   HEM A CAA 1 
HETATM 621 C  CBA . HEM B 2 .  ? -4.541  2.172   2.034   1.00 11.15 ? 0   HEM A CBA 1 
HETATM 622 C  CGA . HEM B 2 .  ? -5.916  1.789   2.546   1.00 22.27 ? 0   HEM A CGA 1 
HETATM 623 O  O1A . HEM B 2 .  ? -6.023  0.884   3.368   1.00 18.65 ? 0   HEM A O1A 1 
HETATM 624 O  O2A . HEM B 2 .  ? -6.889  1.980   1.718   1.00 17.21 ? 0   HEM A O2A 1 
HETATM 625 C  C1B . HEM B 2 .  ? 1.799   2.533   -0.114  1.00 10.91 ? 0   HEM A C1B 1 
HETATM 626 C  C2B . HEM B 2 .  ? 2.743   2.241   -1.097  1.00 5.88  ? 0   HEM A C2B 1 
HETATM 627 C  C3B . HEM B 2 .  ? 3.588   3.352   -1.198  1.00 -0.05 ? 0   HEM A C3B 1 
HETATM 628 C  C4B . HEM B 2 .  ? 3.189   4.248   -0.197  1.00 4.49  ? 0   HEM A C4B 1 
HETATM 629 C  CMB . HEM B 2 .  ? 2.786   0.980   -1.933  1.00 4.31  ? 0   HEM A CMB 1 
HETATM 630 C  CAB . HEM B 2 .  ? 4.703   3.587   -2.198  1.00 6.35  ? 0   HEM A CAB 1 
HETATM 631 C  CBB . HEM B 2 .  ? 4.203   3.765   -3.628  1.00 6.48  ? 0   HEM A CBB 1 
HETATM 632 C  C1C . HEM B 2 .  ? 3.438   6.331   1.101   1.00 4.45  ? 0   HEM A C1C 1 
HETATM 633 C  C2C . HEM B 2 .  ? 4.145   7.471   1.464   1.00 5.77  ? 0   HEM A C2C 1 
HETATM 634 C  C3C . HEM B 2 .  ? 3.577   7.937   2.646   1.00 8.44  ? 0   HEM A C3C 1 
HETATM 635 C  C4C . HEM B 2 .  ? 2.445   7.187   2.858   1.00 11.13 ? 0   HEM A C4C 1 
HETATM 636 C  CMC . HEM B 2 .  ? 5.392   7.997   0.777   1.00 8.62  ? 0   HEM A CMC 1 
HETATM 637 C  CAC . HEM B 2 .  ? 4.104   9.017   3.582   1.00 3.39  ? 0   HEM A CAC 1 
HETATM 638 C  CBC . HEM B 2 .  ? 4.169   10.392  2.927   1.00 10.94 ? 0   HEM A CBC 1 
HETATM 639 C  C1D . HEM B 2 .  ? 0.383   6.690   4.064   1.00 5.02  ? 0   HEM A C1D 1 
HETATM 640 C  C2D . HEM B 2 .  ? -0.589  7.007   5.008   1.00 3.97  ? 0   HEM A C2D 1 
HETATM 641 C  C3D . HEM B 2 .  ? -1.618  6.088   4.853   1.00 5.11  ? 0   HEM A C3D 1 
HETATM 642 C  C4D . HEM B 2 .  ? -1.208  5.174   3.884   1.00 9.05  ? 0   HEM A C4D 1 
HETATM 643 C  CMD . HEM B 2 .  ? -0.547  8.165   5.986   1.00 5.28  ? 0   HEM A CMD 1 
HETATM 644 C  CAD . HEM B 2 .  ? -2.930  6.055   5.597   1.00 9.04  ? 0   HEM A CAD 1 
HETATM 645 C  CBD . HEM B 2 .  ? -4.077  6.636   4.786   1.00 6.36  ? 0   HEM A CBD 1 
HETATM 646 C  CGD . HEM B 2 .  ? -5.389  6.474   5.552   1.00 6.46  ? 0   HEM A CGD 1 
HETATM 647 O  O1D . HEM B 2 .  ? -6.437  6.391   4.906   1.00 8.25  ? 0   HEM A O1D 1 
HETATM 648 O  O2D . HEM B 2 .  ? -5.464  6.752   6.838   1.00 15.15 ? 0   HEM A O2D 1 
HETATM 649 N  NA  . HEM B 2 .  ? -0.353  3.166   1.870   1.00 6.22  ? 0   HEM A NA  1 
HETATM 650 N  NB  . HEM B 2 .  ? 2.091   3.744   0.438   1.00 4.54  ? 0   HEM A NB  1 
HETATM 651 N  NC  . HEM B 2 .  ? 2.400   6.173   1.960   1.00 3.58  ? 0   HEM A NC  1 
HETATM 652 N  ND  . HEM B 2 .  ? -0.001  5.569   3.371   1.00 4.28  ? 0   HEM A ND  1 
HETATM 653 FE FE  . HEM B 2 .  ? 1.054   4.662   1.956   1.00 6.41  ? 0   HEM A FE  1 
HETATM 654 O  O   . HOH C 3 .  ? -0.522  9.452   -9.133  1.00 19.07 ? 83  HOH A O   1 
HETATM 655 O  O   . HOH C 3 .  ? -3.879  8.256   8.275   1.00 7.04  ? 84  HOH A O   1 
HETATM 656 O  O   . HOH C 3 .  ? 4.505   1.452   8.437   1.00 9.98  ? 85  HOH A O   1 
HETATM 657 O  O   . HOH C 3 .  ? -15.680 2.324   7.151   1.00 20.08 ? 86  HOH A O   1 
HETATM 658 O  O   . HOH C 3 .  ? -0.482  -0.243  11.452  1.00 12.20 ? 87  HOH A O   1 
HETATM 659 O  O   . HOH C 3 .  ? 4.937   -3.779  -12.212 1.00 16.63 ? 88  HOH A O   1 
HETATM 660 O  O   . HOH C 3 .  ? 0.456   -5.371  -12.506 1.00 37.91 ? 89  HOH A O   1 
HETATM 661 O  O   . HOH C 3 .  ? -15.221 -11.225 -0.082  1.00 15.37 ? 90  HOH A O   1 
HETATM 662 O  O   . HOH C 3 .  ? -8.885  15.147  8.600   1.00 39.54 ? 91  HOH A O   1 
HETATM 663 O  O   . HOH C 3 .  ? -4.135  12.245  -0.568  1.00 15.25 ? 92  HOH A O   1 
HETATM 664 O  O   . HOH C 3 .  ? 5.629   7.294   -5.078  1.00 9.26  ? 93  HOH A O   1 
HETATM 665 O  O   . HOH C 3 .  ? -0.660  4.670   -15.342 1.00 15.16 ? 94  HOH A O   1 
HETATM 666 O  O   . HOH C 3 .  ? 5.848   -1.129  -15.259 1.00 17.41 ? 95  HOH A O   1 
HETATM 667 O  O   . HOH C 3 .  ? -14.779 2.021   -5.517  1.00 20.83 ? 96  HOH A O   1 
HETATM 668 O  O   . HOH C 3 .  ? -7.311  -6.252  -9.669  1.00 31.88 ? 97  HOH A O   1 
HETATM 669 O  O   . HOH C 3 .  ? -15.808 -6.989  -0.642  1.00 40.49 ? 98  HOH A O   1 
HETATM 670 O  O   . HOH C 3 .  ? -15.053 3.142   9.845   1.00 44.42 ? 99  HOH A O   1 
HETATM 671 O  O   . HOH C 3 .  ? -8.268  3.240   11.601  1.00 21.26 ? 100 HOH A O   1 
HETATM 672 O  O   . HOH C 3 .  ? 10.170  1.558   -11.687 1.00 26.64 ? 101 HOH A O   1 
HETATM 673 O  O   . HOH C 3 .  ? -7.531  -0.482  -9.609  1.00 30.37 ? 102 HOH A O   1 
HETATM 674 O  O   . HOH C 3 .  ? -0.234  7.352   -14.798 1.00 32.41 ? 103 HOH A O   1 
HETATM 675 O  O   . HOH C 3 .  ? 1.876   8.907   11.552  1.00 12.40 ? 104 HOH A O   1 
HETATM 676 O  O   . HOH C 3 .  ? 2.614   9.382   -1.057  1.00 21.34 ? 105 HOH A O   1 
HETATM 677 O  O   . HOH C 3 .  ? -6.833  11.296  -0.425  1.00 46.02 ? 106 HOH A O   1 
HETATM 678 O  O   . HOH C 3 .  ? 4.333   11.626  -1.017  1.00 37.84 ? 107 HOH A O   1 
HETATM 679 O  O   . HOH C 3 .  ? -7.431  10.719  -3.732  1.00 49.87 ? 108 HOH A O   1 
HETATM 680 O  O   . HOH C 3 .  ? -7.920  7.557   -3.499  1.00 37.84 ? 109 HOH A O   1 
HETATM 681 O  O   . HOH C 3 .  ? -3.581  3.745   12.415  1.00 25.80 ? 110 HOH A O   1 
HETATM 682 O  O   . HOH C 3 .  ? -8.894  -9.030  -4.553  1.00 40.87 ? 111 HOH A O   1 
HETATM 683 O  O   . HOH C 3 .  ? -11.412 3.523   8.492   1.00 35.49 ? 112 HOH A O   1 
HETATM 684 O  O   . HOH C 3 .  ? -16.202 0.155   -4.034  1.00 25.87 ? 113 HOH A O   1 
HETATM 685 O  O   . HOH C 3 .  ? -13.729 -4.493  -0.882  1.00 56.89 ? 114 HOH A O   1 
HETATM 686 O  O   . HOH C 3 .  ? -0.277  -6.352  14.923  1.00 39.59 ? 115 HOH A O   1 
HETATM 687 O  O   . HOH C 3 .  ? 12.836  3.379   6.240   1.00 45.02 ? 116 HOH A O   1 
HETATM 688 O  O   . HOH C 3 .  ? -1.555  -8.329  11.723  1.00 45.29 ? 117 HOH A O   1 
HETATM 689 O  O   . HOH C 3 .  ? 13.898  5.578   -7.396  1.00 31.26 ? 118 HOH A O   1 
HETATM 690 O  O   . HOH C 3 .  ? -2.013  -11.035 -2.883  1.00 25.09 ? 119 HOH A O   1 
HETATM 691 O  O   . HOH C 3 .  ? 2.123   7.973   -12.641 1.00 29.62 ? 120 HOH A O   1 
HETATM 692 O  O   . HOH C 3 .  ? -4.712  -9.879  2.695   1.00 42.12 ? 121 HOH A O   1 
HETATM 693 O  O   . HOH C 3 .  ? 2.332   -10.092 15.030  1.00 47.02 ? 122 HOH A O   1 
HETATM 694 O  O   . HOH C 3 .  ? -5.425  -5.014  10.593  1.00 26.78 ? 123 HOH A O   1 
HETATM 695 O  O   . HOH C 3 .  ? -1.324  8.428   12.092  1.00 33.80 ? 124 HOH A O   1 
HETATM 696 O  O   . HOH C 3 .  ? 8.976   -4.305  9.837   1.00 26.30 ? 125 HOH A O   1 
HETATM 697 O  O   . HOH C 3 .  ? -1.484  6.761   9.312   1.00 24.14 ? 126 HOH A O   1 
HETATM 698 O  O   . HOH C 3 .  ? 6.451   5.033   -12.636 1.00 25.40 ? 127 HOH A O   1 
HETATM 699 O  O   . HOH C 3 .  ? 4.656   7.634   -13.383 1.00 25.60 ? 128 HOH A O   1 
HETATM 700 O  O   . HOH C 3 .  ? -2.545  11.359  -9.092  1.00 37.14 ? 129 HOH A O   1 
HETATM 701 O  O   . HOH C 3 .  ? -11.313 1.199   -2.889  1.00 26.97 ? 130 HOH A O   1 
HETATM 702 O  O   . HOH C 3 .  ? 10.529  1.030   6.044   1.00 30.96 ? 131 HOH A O   1 
HETATM 703 O  O   . HOH C 3 .  ? 1.314   -13.011 7.369   1.00 26.53 ? 132 HOH A O   1 
HETATM 704 O  O   . HOH C 3 .  ? 3.350   -10.607 -4.695  1.00 29.90 ? 133 HOH A O   1 
HETATM 705 O  O   . HOH C 3 .  ? -12.721 2.925   -4.338  1.00 36.04 ? 134 HOH A O   1 
HETATM 706 O  O   . HOH C 3 .  ? -9.245  -6.843  -7.279  1.00 27.55 ? 135 HOH A O   1 
HETATM 707 O  O   . HOH C 3 .  ? 12.224  0.899   -10.509 1.00 35.96 ? 136 HOH A O   1 
HETATM 708 O  O   . HOH C 3 .  ? 14.263  -9.844  -1.016  1.00 28.53 ? 137 HOH A O   1 
HETATM 709 O  O   . HOH C 3 .  ? -8.881  16.706  6.093   1.00 30.18 ? 138 HOH A O   1 
HETATM 710 O  O   . HOH C 3 .  ? 0.645   10.429  -12.763 1.00 25.89 ? 139 HOH A O   1 
HETATM 711 O  O   . HOH C 3 .  ? -11.210 16.961  10.407  1.00 28.59 ? 140 HOH A O   1 
HETATM 712 O  O   . HOH C 3 .  ? -3.175  14.450  0.190   1.00 39.07 ? 141 HOH A O   1 
HETATM 713 O  O   . HOH C 3 .  ? 3.243   -14.699 1.471   1.00 39.16 ? 142 HOH A O   1 
HETATM 714 O  O   . HOH C 3 .  ? -1.065  -10.061 8.176   1.00 37.95 ? 143 HOH A O   1 
HETATM 715 O  O   . HOH C 3 .  ? -4.880  -3.635  12.834  1.00 41.64 ? 144 HOH A O   1 
HETATM 716 O  O   . HOH C 3 .  ? 12.029  -1.049  5.045   1.00 38.41 ? 145 HOH A O   1 
HETATM 717 O  O   . HOH C 3 .  ? 3.997   6.566   14.130  1.00 41.19 ? 146 HOH A O   1 
HETATM 718 O  O   . HOH C 3 .  ? -10.916 5.446   10.338  1.00 42.12 ? 147 HOH A O   1 
HETATM 719 O  O   . HOH C 3 .  ? -9.134  5.934   1.210   1.00 42.01 ? 148 HOH A O   1 
HETATM 720 O  O   . HOH C 3 .  ? 1.571   6.486   15.914  1.00 41.97 ? 149 HOH A O   1 
HETATM 721 O  O   . HOH C 3 .  ? -6.879  -14.671 2.834   1.00 40.69 ? 150 HOH A O   1 
HETATM 722 O  O   . HOH C 3 .  ? -11.240 9.459   2.231   1.00 41.33 ? 151 HOH A O   1 
HETATM 723 O  O   . HOH C 3 .  ? -0.557  9.438   -14.501 1.00 40.85 ? 152 HOH A O   1 
HETATM 724 O  O   . HOH C 3 .  ? -11.289 13.374  10.341  1.00 41.10 ? 153 HOH A O   1 
HETATM 725 O  O   . HOH C 3 .  ? 0.815   -12.380 -4.055  1.00 35.93 ? 154 HOH A O   1 
HETATM 726 O  O   . HOH C 3 .  ? 13.890  -8.190  -9.429  1.00 40.60 ? 155 HOH A O   1 
# 
